data_1ZOR
#
_entry.id   1ZOR
#
_cell.length_a   62.470
_cell.length_b   88.051
_cell.length_c   180.926
_cell.angle_alpha   90.00
_cell.angle_beta   90.00
_cell.angle_gamma   90.00
#
_symmetry.space_group_name_H-M   'P 21 21 21'
#
loop_
_entity.id
_entity.type
_entity.pdbx_description
1 polymer 'isocitrate dehydrogenase'
2 non-polymer 'SODIUM ION'
3 water water
#
_entity_poly.entity_id   1
_entity_poly.type   'polypeptide(L)'
_entity_poly.pdbx_seq_one_letter_code
;MEKVKVKNPIVELDGDEMARVMWKMIKEKLILPYLDIQLVYFDLGIKKRDETDDQITIEAAKAIKKYGVGVKCATITPDA
ERVKEYNLKKAWKSPNATIRAYLDGTVFRKPIMVKNVPPLVKRWKKPIIIGRHAYGDIYNAVEAKVEGPAEVELVVRNKE
NKTLLVHKFEGNGVVMAMHNLEKSIRSFAQSCINYAISEKVDIWFATKDTISKVYHAYFKDIFQEEVDKRKEELEKAGVN
YRYMLIDDAAAQILRSEGGMLWACMNYEGDIMSDMIASGFGSLGLMTSVLVSPDGVYEFEAAHGTVRRHYYRYLKGEKTS
TNPTASIFAWTGAIRKRGELDGTPEVCEFADKLEKAVINTIESGVITKDLQPFTEPPIDKYVTLEEFIDEVKKNLEKLL
;
_entity_poly.pdbx_strand_id   A,B
#
# COMPACT_ATOMS: atom_id res chain seq x y z
N MET A 1 -3.28 -28.94 41.51
CA MET A 1 -3.31 -29.30 40.06
C MET A 1 -1.90 -29.48 39.46
N GLU A 2 -1.71 -30.64 38.81
CA GLU A 2 -0.45 -30.98 38.15
C GLU A 2 -0.17 -30.12 36.91
N LYS A 3 1.11 -29.83 36.69
CA LYS A 3 1.55 -29.15 35.48
C LYS A 3 1.33 -30.04 34.26
N VAL A 4 1.06 -29.38 33.14
CA VAL A 4 0.89 -30.06 31.88
C VAL A 4 2.29 -30.38 31.31
N LYS A 5 2.48 -31.62 30.88
CA LYS A 5 3.76 -32.09 30.36
C LYS A 5 3.89 -31.71 28.89
N VAL A 6 4.95 -30.97 28.58
CA VAL A 6 5.32 -30.72 27.20
C VAL A 6 6.40 -31.73 26.84
N LYS A 7 6.12 -32.55 25.84
CA LYS A 7 6.98 -33.68 25.46
C LYS A 7 8.38 -33.27 24.99
N ASN A 8 8.45 -32.41 23.97
CA ASN A 8 9.70 -32.04 23.34
C ASN A 8 10.07 -30.58 23.65
N PRO A 9 11.38 -30.25 23.62
CA PRO A 9 11.79 -28.90 23.99
C PRO A 9 11.26 -27.78 23.09
N ILE A 10 11.08 -26.60 23.67
CA ILE A 10 10.95 -25.38 22.87
C ILE A 10 12.21 -24.52 23.01
N VAL A 11 12.66 -23.95 21.92
CA VAL A 11 13.83 -23.11 21.95
C VAL A 11 13.41 -21.66 22.30
N GLU A 12 14.02 -21.10 23.32
CA GLU A 12 13.65 -19.78 23.83
C GLU A 12 14.80 -18.80 23.63
N LEU A 13 14.50 -17.70 22.94
CA LEU A 13 15.46 -16.62 22.70
C LEU A 13 15.07 -15.39 23.52
N ASP A 14 15.88 -15.06 24.53
CA ASP A 14 15.67 -13.87 25.36
C ASP A 14 16.15 -12.64 24.62
N GLY A 15 15.59 -11.48 24.94
CA GLY A 15 15.87 -10.26 24.20
C GLY A 15 16.23 -9.06 25.06
N ASP A 16 15.74 -7.89 24.63
CA ASP A 16 16.21 -6.61 25.17
C ASP A 16 15.13 -5.71 25.77
N GLU A 17 15.56 -4.78 26.62
CA GLU A 17 14.77 -3.67 27.11
C GLU A 17 13.39 -4.08 27.65
N MET A 18 12.33 -3.36 27.28
CA MET A 18 11.03 -3.63 27.90
C MET A 18 10.47 -5.00 27.46
N ALA A 19 10.81 -5.41 26.24
CA ALA A 19 10.36 -6.73 25.77
C ALA A 19 10.84 -7.84 26.69
N ARG A 20 12.12 -7.78 27.04
CA ARG A 20 12.78 -8.67 28.01
C ARG A 20 12.10 -8.62 29.36
N VAL A 21 11.73 -7.42 29.84
CA VAL A 21 11.00 -7.28 31.12
C VAL A 21 9.67 -8.01 31.11
N MET A 22 8.89 -7.79 30.05
CA MET A 22 7.61 -8.45 29.86
C MET A 22 7.77 -9.97 29.77
N TRP A 23 8.80 -10.39 29.04
CA TRP A 23 9.11 -11.80 28.76
C TRP A 23 9.29 -12.61 30.04
N LYS A 24 10.10 -12.07 30.94
CA LYS A 24 10.33 -12.64 32.25
C LYS A 24 9.00 -12.75 33.05
N MET A 25 8.16 -11.71 33.04
CA MET A 25 6.89 -11.77 33.80
C MET A 25 5.93 -12.82 33.22
N ILE A 26 5.90 -12.92 31.90
CA ILE A 26 4.99 -13.85 31.21
C ILE A 26 5.39 -15.26 31.62
N LYS A 27 6.69 -15.57 31.56
CA LYS A 27 7.15 -16.91 31.91
C LYS A 27 6.77 -17.26 33.34
N GLU A 28 7.00 -16.34 34.26
CA GLU A 28 6.90 -16.64 35.69
C GLU A 28 5.47 -16.68 36.15
N LYS A 29 4.63 -15.82 35.56
CA LYS A 29 3.24 -15.74 35.97
C LYS A 29 2.34 -16.62 35.13
N LEU A 30 2.66 -16.78 33.83
CA LEU A 30 1.68 -17.37 32.89
C LEU A 30 2.08 -18.72 32.27
N ILE A 31 3.35 -19.07 32.37
CA ILE A 31 3.86 -20.24 31.63
C ILE A 31 4.38 -21.32 32.57
N LEU A 32 5.42 -20.99 33.35
CA LEU A 32 6.13 -21.98 34.17
C LEU A 32 5.33 -22.58 35.33
N PRO A 33 4.36 -21.83 35.91
CA PRO A 33 3.56 -22.52 36.93
C PRO A 33 2.64 -23.62 36.38
N TYR A 34 2.41 -23.65 35.06
CA TYR A 34 1.39 -24.54 34.48
C TYR A 34 1.95 -25.63 33.60
N LEU A 35 3.23 -25.50 33.25
CA LEU A 35 3.81 -26.42 32.28
C LEU A 35 5.12 -26.99 32.80
N ASP A 36 5.22 -28.32 32.68
CA ASP A 36 6.47 -29.02 32.80
C ASP A 36 7.02 -29.05 31.39
N ILE A 37 7.97 -28.15 31.12
CA ILE A 37 8.41 -27.84 29.75
C ILE A 37 9.92 -27.62 29.68
N GLN A 38 10.59 -28.25 28.71
CA GLN A 38 12.03 -28.07 28.56
C GLN A 38 12.23 -26.88 27.64
N LEU A 39 12.95 -25.87 28.13
CA LEU A 39 13.26 -24.65 27.36
C LEU A 39 14.76 -24.63 27.06
N VAL A 40 15.10 -24.64 25.77
CA VAL A 40 16.48 -24.52 25.32
C VAL A 40 16.76 -23.03 25.15
N TYR A 41 17.50 -22.49 26.11
CA TYR A 41 17.58 -21.07 26.32
C TYR A 41 18.84 -20.47 25.71
N PHE A 42 18.62 -19.41 24.94
CA PHE A 42 19.67 -18.60 24.34
C PHE A 42 19.41 -17.16 24.69
N ASP A 43 20.33 -16.53 25.41
CA ASP A 43 20.18 -15.12 25.75
C ASP A 43 20.65 -14.24 24.60
N LEU A 44 19.72 -13.63 23.87
CA LEU A 44 20.11 -12.79 22.76
C LEU A 44 20.10 -11.30 23.13
N GLY A 45 20.22 -11.01 24.44
CA GLY A 45 20.34 -9.63 24.92
C GLY A 45 21.59 -9.05 24.29
N ILE A 46 21.61 -7.74 24.03
CA ILE A 46 22.67 -7.09 23.28
C ILE A 46 24.09 -7.37 23.83
N LYS A 47 24.21 -7.46 25.15
CA LYS A 47 25.53 -7.67 25.78
C LYS A 47 26.06 -9.10 25.59
N LYS A 48 25.18 -10.09 25.62
N LYS A 48 25.18 -10.09 25.62
CA LYS A 48 25.54 -11.48 25.32
CA LYS A 48 25.56 -11.49 25.32
C LYS A 48 26.01 -11.64 23.87
C LYS A 48 25.99 -11.66 23.86
N ARG A 49 25.26 -11.04 22.95
CA ARG A 49 25.67 -11.03 21.54
C ARG A 49 27.01 -10.30 21.41
N ASP A 50 27.16 -9.18 22.12
CA ASP A 50 28.43 -8.44 22.09
C ASP A 50 29.56 -9.30 22.61
N GLU A 51 29.41 -9.88 23.81
CA GLU A 51 30.42 -10.76 24.41
C GLU A 51 30.87 -11.90 23.49
N THR A 52 29.92 -12.52 22.79
CA THR A 52 30.24 -13.68 21.98
C THR A 52 30.46 -13.34 20.51
N ASP A 53 30.70 -12.06 20.21
CA ASP A 53 30.85 -11.64 18.81
C ASP A 53 29.68 -12.13 17.95
N ASP A 54 28.47 -12.06 18.50
CA ASP A 54 27.23 -12.49 17.83
C ASP A 54 27.10 -13.99 17.51
N GLN A 55 28.02 -14.81 18.02
CA GLN A 55 27.98 -16.25 17.77
C GLN A 55 26.76 -16.91 18.43
N ILE A 56 26.29 -16.34 19.53
CA ILE A 56 25.13 -16.88 20.25
C ILE A 56 23.84 -16.86 19.40
N THR A 57 23.75 -15.91 18.48
CA THR A 57 22.62 -15.78 17.55
C THR A 57 22.57 -16.95 16.58
N ILE A 58 23.74 -17.40 16.10
CA ILE A 58 23.83 -18.51 15.17
C ILE A 58 23.47 -19.80 15.87
N GLU A 59 24.00 -19.96 17.09
CA GLU A 59 23.70 -21.12 17.92
C GLU A 59 22.21 -21.17 18.17
N ALA A 60 21.60 -20.03 18.49
CA ALA A 60 20.15 -19.96 18.65
C ALA A 60 19.43 -20.45 17.41
N ALA A 61 19.85 -19.98 16.23
CA ALA A 61 19.20 -20.34 14.98
C ALA A 61 19.32 -21.86 14.70
N LYS A 62 20.49 -22.42 14.98
N LYS A 62 20.50 -22.43 14.98
CA LYS A 62 20.76 -23.85 14.83
CA LYS A 62 20.71 -23.86 14.79
C LYS A 62 19.80 -24.68 15.67
C LYS A 62 19.77 -24.68 15.67
N ALA A 63 19.57 -24.20 16.90
CA ALA A 63 18.70 -24.89 17.86
C ALA A 63 17.25 -24.85 17.40
N ILE A 64 16.82 -23.70 16.91
CA ILE A 64 15.46 -23.58 16.40
C ILE A 64 15.25 -24.60 15.28
N LYS A 65 16.13 -24.60 14.26
CA LYS A 65 16.02 -25.60 13.21
C LYS A 65 16.01 -27.04 13.77
N LYS A 66 16.88 -27.30 14.74
CA LYS A 66 17.03 -28.65 15.27
C LYS A 66 15.73 -29.14 15.91
N TYR A 67 15.16 -28.33 16.82
CA TYR A 67 13.99 -28.73 17.61
C TYR A 67 12.68 -28.41 16.89
N GLY A 68 12.72 -27.43 15.98
CA GLY A 68 11.59 -27.17 15.11
C GLY A 68 10.68 -26.02 15.54
N VAL A 69 10.63 -25.72 16.82
CA VAL A 69 9.80 -24.62 17.30
C VAL A 69 10.59 -23.70 18.20
N GLY A 70 10.63 -22.42 17.86
CA GLY A 70 11.24 -21.40 18.69
C GLY A 70 10.30 -20.27 19.06
N VAL A 71 10.63 -19.56 20.13
CA VAL A 71 9.83 -18.42 20.54
C VAL A 71 10.86 -17.38 20.95
N LYS A 72 10.72 -16.16 20.42
CA LYS A 72 11.80 -15.19 20.46
C LYS A 72 11.31 -13.85 20.96
N CYS A 73 12.08 -13.27 21.90
CA CYS A 73 11.82 -11.94 22.46
C CYS A 73 12.46 -10.87 21.57
N ALA A 74 11.88 -9.68 21.51
CA ALA A 74 12.44 -8.66 20.60
C ALA A 74 13.85 -8.29 21.07
N THR A 75 14.69 -7.91 20.10
CA THR A 75 16.11 -7.66 20.32
C THR A 75 16.50 -6.32 19.72
N ILE A 76 17.51 -5.67 20.30
CA ILE A 76 18.06 -4.46 19.73
C ILE A 76 18.84 -4.79 18.45
N THR A 77 18.56 -4.06 17.36
CA THR A 77 19.48 -4.03 16.21
C THR A 77 20.30 -2.76 16.36
N PRO A 78 21.59 -2.93 16.66
CA PRO A 78 22.39 -1.75 16.95
C PRO A 78 22.66 -0.83 15.75
N ASP A 79 22.42 0.45 15.93
CA ASP A 79 23.00 1.42 15.02
C ASP A 79 24.12 2.10 15.78
N ALA A 80 24.74 3.12 15.19
CA ALA A 80 25.85 3.83 15.84
C ALA A 80 25.51 4.31 17.26
N GLU A 81 24.26 4.77 17.43
N GLU A 81 24.28 4.77 17.47
CA GLU A 81 23.77 5.26 18.72
CA GLU A 81 23.95 5.29 18.80
C GLU A 81 23.78 4.16 19.80
C GLU A 81 23.70 4.17 19.85
N ARG A 82 23.33 2.97 19.41
CA ARG A 82 23.27 1.82 20.33
C ARG A 82 24.68 1.33 20.68
N VAL A 83 25.59 1.41 19.69
CA VAL A 83 26.99 1.09 19.89
C VAL A 83 27.54 1.98 21.01
N LYS A 84 27.23 3.28 20.95
N LYS A 84 27.24 3.29 20.91
CA LYS A 84 27.67 4.21 21.99
CA LYS A 84 27.59 4.25 21.94
C LYS A 84 26.97 3.91 23.32
C LYS A 84 26.99 3.85 23.27
N GLU A 85 25.67 3.68 23.26
CA GLU A 85 24.86 3.47 24.47
C GLU A 85 25.25 2.22 25.25
N TYR A 86 25.56 1.14 24.53
CA TYR A 86 25.87 -0.12 25.18
C TYR A 86 27.35 -0.46 25.11
N ASN A 87 28.16 0.50 24.68
CA ASN A 87 29.61 0.31 24.46
C ASN A 87 29.94 -0.98 23.71
N LEU A 88 29.32 -1.16 22.55
CA LEU A 88 29.50 -2.36 21.74
C LEU A 88 30.78 -2.35 20.93
N LYS A 89 31.31 -3.53 20.62
CA LYS A 89 32.50 -3.65 19.75
C LYS A 89 32.20 -3.17 18.33
N LYS A 90 30.95 -3.31 17.91
CA LYS A 90 30.59 -3.34 16.51
C LYS A 90 29.06 -3.19 16.45
N ALA A 91 28.55 -2.62 15.35
CA ALA A 91 27.12 -2.66 15.07
C ALA A 91 26.77 -4.03 14.50
N TRP A 92 26.57 -4.98 15.41
CA TRP A 92 26.20 -6.34 15.06
C TRP A 92 24.98 -6.30 14.15
N LYS A 93 24.82 -7.30 13.29
CA LYS A 93 23.63 -7.36 12.42
C LYS A 93 22.38 -7.78 13.18
N SER A 94 21.22 -7.40 12.64
CA SER A 94 19.94 -7.82 13.17
C SER A 94 19.89 -9.32 13.46
N PRO A 95 19.66 -9.71 14.73
CA PRO A 95 19.48 -11.12 15.01
C PRO A 95 18.37 -11.73 14.14
N ASN A 96 17.28 -10.99 13.96
CA ASN A 96 16.17 -11.46 13.11
C ASN A 96 16.59 -11.76 11.69
N ALA A 97 17.39 -10.87 11.06
CA ALA A 97 17.85 -11.10 9.70
C ALA A 97 18.73 -12.34 9.68
N THR A 98 19.58 -12.47 10.71
CA THR A 98 20.51 -13.60 10.78
C THR A 98 19.71 -14.90 10.90
N ILE A 99 18.75 -14.92 11.81
CA ILE A 99 17.94 -16.13 12.04
C ILE A 99 17.10 -16.47 10.83
N ARG A 100 16.45 -15.45 10.25
CA ARG A 100 15.58 -15.66 9.07
C ARG A 100 16.39 -16.27 7.92
N ALA A 101 17.59 -15.75 7.68
CA ALA A 101 18.40 -16.22 6.58
C ALA A 101 18.85 -17.67 6.85
N TYR A 102 19.29 -17.94 8.08
CA TYR A 102 19.74 -19.27 8.46
C TYR A 102 18.62 -20.29 8.24
N LEU A 103 17.39 -19.90 8.62
CA LEU A 103 16.22 -20.77 8.53
C LEU A 103 15.53 -20.75 7.16
N ASP A 104 16.02 -19.89 6.24
CA ASP A 104 15.41 -19.75 4.91
C ASP A 104 13.90 -19.43 5.10
N GLY A 105 13.58 -18.69 6.15
CA GLY A 105 12.16 -18.49 6.52
C GLY A 105 11.49 -17.22 5.99
N THR A 106 10.17 -17.20 6.04
CA THR A 106 9.38 -16.03 5.71
C THR A 106 8.59 -15.66 6.98
N VAL A 107 8.52 -14.37 7.28
CA VAL A 107 7.76 -13.87 8.43
C VAL A 107 6.29 -13.55 8.09
N PHE A 108 5.37 -14.04 8.93
CA PHE A 108 3.93 -13.82 8.71
C PHE A 108 3.35 -13.04 9.84
N ARG A 109 2.75 -11.92 9.48
N ARG A 109 2.71 -11.92 9.50
CA ARG A 109 2.17 -11.00 10.45
CA ARG A 109 2.23 -10.97 10.50
C ARG A 109 0.67 -11.17 10.48
C ARG A 109 0.70 -10.94 10.56
N LYS A 110 0.13 -11.41 11.66
CA LYS A 110 -1.31 -11.56 11.84
C LYS A 110 -1.86 -10.87 13.11
N PRO A 111 -2.92 -10.03 12.96
CA PRO A 111 -3.50 -9.33 14.09
C PRO A 111 -4.38 -10.24 14.95
N ILE A 112 -4.39 -9.97 16.25
CA ILE A 112 -5.35 -10.53 17.18
C ILE A 112 -6.57 -9.64 17.22
N MET A 113 -7.72 -10.19 16.89
CA MET A 113 -8.94 -9.41 16.91
C MET A 113 -9.77 -9.58 18.19
N VAL A 114 -10.24 -8.44 18.71
CA VAL A 114 -11.04 -8.40 19.92
C VAL A 114 -12.24 -7.51 19.66
N LYS A 115 -13.42 -8.05 19.99
CA LYS A 115 -14.70 -7.42 19.73
C LYS A 115 -14.71 -5.93 20.09
N ASN A 116 -14.23 -5.60 21.28
CA ASN A 116 -14.36 -4.24 21.80
C ASN A 116 -13.17 -3.33 21.42
N VAL A 117 -12.28 -3.83 20.58
CA VAL A 117 -11.16 -3.03 20.02
C VAL A 117 -11.18 -3.21 18.51
N PRO A 118 -12.23 -2.69 17.83
CA PRO A 118 -12.44 -3.01 16.42
C PRO A 118 -11.38 -2.38 15.51
N PRO A 119 -11.20 -2.96 14.30
CA PRO A 119 -10.20 -2.38 13.39
C PRO A 119 -10.69 -1.03 12.87
N LEU A 120 -9.82 -0.27 12.21
CA LEU A 120 -10.18 1.03 11.62
C LEU A 120 -10.87 0.91 10.27
N VAL A 121 -10.84 -0.29 9.70
CA VAL A 121 -11.57 -0.58 8.48
C VAL A 121 -12.79 -1.41 8.86
N LYS A 122 -13.98 -0.85 8.63
CA LYS A 122 -15.25 -1.47 9.07
C LYS A 122 -15.45 -2.92 8.61
N ARG A 123 -15.23 -3.14 7.32
CA ARG A 123 -15.34 -4.44 6.64
C ARG A 123 -14.57 -5.60 7.28
N TRP A 124 -13.43 -5.29 7.90
CA TRP A 124 -12.45 -6.32 8.30
C TRP A 124 -12.95 -7.08 9.51
N LYS A 125 -13.41 -8.31 9.28
CA LYS A 125 -14.03 -9.13 10.35
C LYS A 125 -13.10 -10.27 10.71
N LYS A 126 -12.09 -10.48 9.87
CA LYS A 126 -11.13 -11.56 10.03
C LYS A 126 -9.75 -11.04 9.80
N PRO A 127 -8.75 -11.65 10.46
CA PRO A 127 -7.36 -11.18 10.31
C PRO A 127 -6.91 -11.23 8.88
N ILE A 128 -6.10 -10.24 8.49
CA ILE A 128 -5.38 -10.27 7.22
C ILE A 128 -3.92 -10.53 7.57
N ILE A 129 -3.37 -11.60 7.03
CA ILE A 129 -1.99 -11.95 7.29
C ILE A 129 -1.09 -11.36 6.18
N ILE A 130 -0.01 -10.69 6.55
CA ILE A 130 0.97 -10.21 5.56
C ILE A 130 2.20 -11.09 5.59
N GLY A 131 2.57 -11.62 4.43
CA GLY A 131 3.82 -12.39 4.29
C GLY A 131 4.69 -11.68 3.26
N ARG A 132 5.87 -11.26 3.69
CA ARG A 132 6.76 -10.43 2.91
C ARG A 132 7.95 -11.25 2.48
N HIS A 133 8.27 -11.21 1.19
CA HIS A 133 9.48 -11.82 0.68
C HIS A 133 10.67 -10.93 1.03
N ALA A 134 11.33 -11.23 2.14
CA ALA A 134 12.36 -10.32 2.63
C ALA A 134 13.74 -10.62 2.07
N TYR A 135 13.85 -10.69 0.75
CA TYR A 135 15.15 -10.78 0.08
C TYR A 135 15.16 -9.98 -1.25
N GLY A 136 16.26 -9.29 -1.51
CA GLY A 136 16.52 -8.72 -2.83
C GLY A 136 15.73 -7.49 -3.21
N ASP A 137 15.58 -7.31 -4.52
CA ASP A 137 14.95 -6.15 -5.11
C ASP A 137 15.65 -4.87 -4.60
N ILE A 138 14.89 -3.81 -4.35
CA ILE A 138 15.47 -2.53 -3.90
C ILE A 138 16.46 -2.70 -2.70
N TYR A 139 16.21 -3.69 -1.84
CA TYR A 139 17.01 -3.87 -0.62
C TYR A 139 18.44 -4.38 -0.86
N ASN A 140 18.71 -4.87 -2.07
CA ASN A 140 20.06 -5.29 -2.46
C ASN A 140 20.53 -4.59 -3.74
N ALA A 141 19.86 -3.51 -4.09
CA ALA A 141 20.11 -2.83 -5.37
C ALA A 141 21.42 -2.07 -5.40
N VAL A 142 21.87 -1.73 -6.61
CA VAL A 142 22.95 -0.78 -6.80
C VAL A 142 22.46 0.44 -7.60
N GLU A 143 22.99 1.62 -7.23
CA GLU A 143 22.39 2.88 -7.67
C GLU A 143 23.48 3.88 -8.06
N ALA A 144 23.10 4.90 -8.83
CA ALA A 144 24.04 5.95 -9.24
C ALA A 144 23.26 7.15 -9.69
N LYS A 145 23.74 8.35 -9.32
CA LYS A 145 23.26 9.60 -9.92
C LYS A 145 23.85 9.72 -11.31
N VAL A 146 23.04 10.17 -12.27
CA VAL A 146 23.49 10.40 -13.62
C VAL A 146 23.31 11.89 -13.91
N GLU A 147 24.40 12.64 -13.82
CA GLU A 147 24.34 14.06 -14.12
C GLU A 147 24.37 14.25 -15.63
N GLY A 148 25.40 13.71 -16.28
CA GLY A 148 25.71 14.11 -17.64
C GLY A 148 24.83 13.53 -18.72
N PRO A 149 24.80 14.18 -19.91
CA PRO A 149 24.50 13.47 -21.15
C PRO A 149 25.23 12.12 -21.15
N ALA A 150 24.49 11.03 -20.94
CA ALA A 150 25.10 9.71 -20.73
C ALA A 150 24.22 8.56 -21.21
N GLU A 151 24.84 7.39 -21.36
CA GLU A 151 24.11 6.17 -21.70
C GLU A 151 24.32 5.15 -20.61
N VAL A 152 23.26 4.47 -20.21
CA VAL A 152 23.33 3.48 -19.15
C VAL A 152 22.89 2.09 -19.62
N GLU A 153 23.75 1.10 -19.41
CA GLU A 153 23.49 -0.26 -19.86
C GLU A 153 23.50 -1.27 -18.71
N LEU A 154 22.66 -2.28 -18.82
CA LEU A 154 22.73 -3.42 -17.93
C LEU A 154 23.40 -4.55 -18.71
N VAL A 155 24.54 -5.03 -18.22
CA VAL A 155 25.29 -6.07 -18.91
C VAL A 155 25.19 -7.41 -18.19
N VAL A 156 24.77 -8.44 -18.94
CA VAL A 156 24.72 -9.82 -18.44
C VAL A 156 25.86 -10.59 -19.11
N ARG A 157 26.72 -11.22 -18.32
CA ARG A 157 27.99 -11.68 -18.86
C ARG A 157 28.47 -13.08 -18.42
N ASN A 158 28.05 -14.14 -19.12
CA ASN A 158 28.93 -15.32 -19.32
C ASN A 158 28.60 -16.43 -20.34
N LYS A 159 27.54 -17.21 -20.14
CA LYS A 159 27.14 -18.20 -21.17
C LYS A 159 26.49 -17.48 -22.34
N GLU A 160 25.35 -16.85 -22.08
CA GLU A 160 24.73 -15.95 -23.05
C GLU A 160 24.95 -14.51 -22.59
N ASN A 161 25.91 -13.84 -23.24
CA ASN A 161 26.24 -12.45 -22.98
C ASN A 161 25.23 -11.51 -23.62
N LYS A 162 24.78 -10.51 -22.86
CA LYS A 162 23.90 -9.48 -23.44
C LYS A 162 23.96 -8.11 -22.78
N THR A 163 23.63 -7.09 -23.57
CA THR A 163 23.62 -5.70 -23.15
C THR A 163 22.22 -5.14 -23.39
N LEU A 164 21.65 -4.50 -22.37
CA LEU A 164 20.36 -3.84 -22.52
C LEU A 164 20.51 -2.35 -22.25
N LEU A 165 19.94 -1.53 -23.13
CA LEU A 165 19.95 -0.08 -22.94
C LEU A 165 18.94 0.37 -21.90
N VAL A 166 19.44 0.80 -20.74
CA VAL A 166 18.60 1.31 -19.65
C VAL A 166 18.00 2.67 -20.03
N HIS A 167 18.85 3.59 -20.47
CA HIS A 167 18.41 4.92 -20.85
C HIS A 167 19.54 5.75 -21.45
N LYS A 168 19.18 6.55 -22.45
CA LYS A 168 20.05 7.57 -22.99
C LYS A 168 19.71 8.92 -22.35
N PHE A 169 20.45 9.27 -21.31
CA PHE A 169 20.23 10.55 -20.63
C PHE A 169 20.65 11.70 -21.50
N GLU A 170 19.78 12.69 -21.58
CA GLU A 170 20.14 13.97 -22.19
C GLU A 170 20.34 14.93 -21.01
N GLY A 171 19.39 14.91 -20.06
CA GLY A 171 19.49 15.70 -18.85
C GLY A 171 19.88 14.80 -17.69
N ASN A 172 19.68 15.26 -16.46
CA ASN A 172 20.14 14.55 -15.28
C ASN A 172 19.11 13.53 -14.80
N GLY A 173 19.51 12.67 -13.85
CA GLY A 173 18.63 11.67 -13.31
C GLY A 173 19.34 10.68 -12.42
N VAL A 174 18.72 9.53 -12.23
CA VAL A 174 19.26 8.46 -11.40
C VAL A 174 18.98 7.11 -12.03
N VAL A 175 19.79 6.15 -11.66
CA VAL A 175 19.71 4.81 -12.19
C VAL A 175 19.74 3.82 -11.00
N MET A 176 19.08 2.68 -11.17
CA MET A 176 19.08 1.61 -10.17
C MET A 176 19.03 0.28 -10.90
N ALA A 177 19.79 -0.70 -10.40
CA ALA A 177 19.66 -2.09 -10.84
C ALA A 177 19.49 -3.03 -9.64
N MET A 178 18.59 -3.98 -9.78
CA MET A 178 18.33 -4.94 -8.73
C MET A 178 18.29 -6.34 -9.27
N HIS A 179 18.29 -7.32 -8.36
CA HIS A 179 18.11 -8.72 -8.71
C HIS A 179 17.20 -9.40 -7.71
N ASN A 180 16.70 -10.56 -8.11
CA ASN A 180 16.26 -11.55 -7.16
C ASN A 180 16.63 -12.93 -7.67
N LEU A 181 16.37 -13.94 -6.84
CA LEU A 181 16.86 -15.30 -7.06
C LEU A 181 15.72 -16.31 -7.09
N GLU A 182 15.77 -17.20 -8.07
CA GLU A 182 14.85 -18.34 -8.17
C GLU A 182 14.66 -19.07 -6.83
N LYS A 183 15.76 -19.47 -6.20
N LYS A 183 15.77 -19.45 -6.20
CA LYS A 183 15.65 -20.23 -4.96
CA LYS A 183 15.76 -20.20 -4.94
C LYS A 183 14.93 -19.43 -3.86
C LYS A 183 15.10 -19.45 -3.78
N SER A 184 15.25 -18.13 -3.78
CA SER A 184 14.66 -17.26 -2.77
C SER A 184 13.16 -17.15 -2.94
N ILE A 185 12.72 -17.04 -4.18
CA ILE A 185 11.33 -16.86 -4.50
C ILE A 185 10.57 -18.18 -4.26
N ARG A 186 11.18 -19.31 -4.63
CA ARG A 186 10.60 -20.62 -4.38
C ARG A 186 10.40 -20.89 -2.90
N SER A 187 11.43 -20.67 -2.10
CA SER A 187 11.32 -20.80 -0.64
C SER A 187 10.19 -19.94 -0.11
N PHE A 188 10.08 -18.73 -0.62
CA PHE A 188 9.02 -17.78 -0.17
C PHE A 188 7.63 -18.34 -0.46
N ALA A 189 7.43 -18.75 -1.70
CA ALA A 189 6.15 -19.37 -2.07
C ALA A 189 5.87 -20.61 -1.25
N GLN A 190 6.90 -21.44 -1.04
CA GLN A 190 6.76 -22.67 -0.24
C GLN A 190 6.35 -22.37 1.20
N SER A 191 6.96 -21.36 1.81
CA SER A 191 6.63 -20.92 3.18
C SER A 191 5.20 -20.37 3.25
N CYS A 192 4.78 -19.63 2.21
CA CYS A 192 3.38 -19.17 2.11
C CYS A 192 2.39 -20.32 2.05
N ILE A 193 2.69 -21.32 1.22
CA ILE A 193 1.89 -22.51 1.10
C ILE A 193 1.79 -23.26 2.45
N ASN A 194 2.93 -23.44 3.12
CA ASN A 194 2.94 -24.04 4.46
C ASN A 194 2.06 -23.26 5.45
N TYR A 195 2.28 -21.93 5.54
CA TYR A 195 1.51 -21.09 6.47
C TYR A 195 0.00 -21.17 6.18
N ALA A 196 -0.38 -21.05 4.91
CA ALA A 196 -1.80 -21.10 4.52
C ALA A 196 -2.47 -22.42 4.81
N ILE A 197 -1.74 -23.53 4.62
CA ILE A 197 -2.29 -24.84 4.95
C ILE A 197 -2.47 -24.95 6.46
N SER A 198 -1.45 -24.48 7.20
CA SER A 198 -1.49 -24.47 8.66
C SER A 198 -2.68 -23.64 9.19
N GLU A 199 -2.87 -22.44 8.65
CA GLU A 199 -3.90 -21.49 9.12
C GLU A 199 -5.25 -21.73 8.50
N LYS A 200 -5.28 -22.51 7.40
CA LYS A 200 -6.47 -22.70 6.57
C LYS A 200 -7.04 -21.36 6.07
N VAL A 201 -6.24 -20.64 5.29
CA VAL A 201 -6.65 -19.35 4.72
C VAL A 201 -6.20 -19.36 3.27
N ASP A 202 -6.91 -18.60 2.44
CA ASP A 202 -6.54 -18.37 1.05
C ASP A 202 -5.26 -17.59 0.89
N ILE A 203 -4.60 -17.77 -0.25
CA ILE A 203 -3.40 -17.01 -0.58
C ILE A 203 -3.67 -16.02 -1.71
N TRP A 204 -3.42 -14.75 -1.43
CA TRP A 204 -3.41 -13.73 -2.48
C TRP A 204 -1.96 -13.39 -2.76
N PHE A 205 -1.56 -13.50 -4.02
CA PHE A 205 -0.25 -13.00 -4.43
C PHE A 205 -0.51 -12.13 -5.61
N ALA A 206 0.31 -11.11 -5.76
CA ALA A 206 0.09 -10.10 -6.76
C ALA A 206 1.38 -9.41 -7.17
N THR A 207 1.45 -8.99 -8.44
CA THR A 207 2.57 -8.24 -8.97
C THR A 207 2.00 -7.32 -10.06
N LYS A 208 2.87 -6.58 -10.72
CA LYS A 208 2.44 -5.77 -11.85
C LYS A 208 3.03 -6.35 -13.14
N ASP A 209 2.78 -7.64 -13.38
CA ASP A 209 3.34 -8.39 -14.49
C ASP A 209 2.89 -7.88 -15.85
N THR A 210 1.83 -7.06 -15.87
CA THR A 210 1.37 -6.45 -17.13
C THR A 210 2.37 -5.40 -17.59
N ILE A 211 3.10 -4.82 -16.64
CA ILE A 211 4.17 -3.84 -16.93
C ILE A 211 5.55 -4.52 -16.92
N SER A 212 5.85 -5.16 -15.80
CA SER A 212 7.10 -5.85 -15.58
C SER A 212 6.92 -7.30 -16.07
N LYS A 213 7.12 -7.48 -17.38
CA LYS A 213 6.81 -8.72 -18.08
C LYS A 213 7.89 -9.81 -18.00
N VAL A 214 9.06 -9.47 -17.43
CA VAL A 214 10.10 -10.45 -17.16
C VAL A 214 10.32 -10.62 -15.64
N TYR A 215 10.51 -9.50 -14.94
CA TYR A 215 10.89 -9.52 -13.53
C TYR A 215 9.71 -9.92 -12.64
N HIS A 216 8.65 -9.12 -12.63
CA HIS A 216 7.42 -9.50 -11.93
C HIS A 216 6.82 -10.81 -12.41
N ALA A 217 6.84 -11.03 -13.72
CA ALA A 217 6.40 -12.28 -14.32
C ALA A 217 7.09 -13.50 -13.68
N TYR A 218 8.40 -13.37 -13.43
CA TYR A 218 9.19 -14.44 -12.82
C TYR A 218 8.58 -14.89 -11.48
N PHE A 219 8.20 -13.93 -10.64
CA PHE A 219 7.60 -14.23 -9.33
C PHE A 219 6.24 -14.88 -9.53
N LYS A 220 5.42 -14.29 -10.41
N LYS A 220 5.43 -14.27 -10.41
CA LYS A 220 4.14 -14.87 -10.76
CA LYS A 220 4.15 -14.82 -10.83
C LYS A 220 4.28 -16.33 -11.17
C LYS A 220 4.26 -16.30 -11.21
N ASP A 221 5.23 -16.61 -12.09
CA ASP A 221 5.41 -17.93 -12.65
C ASP A 221 5.89 -18.91 -11.61
N ILE A 222 6.88 -18.49 -10.82
CA ILE A 222 7.38 -19.34 -9.74
C ILE A 222 6.30 -19.65 -8.70
N PHE A 223 5.55 -18.65 -8.30
CA PHE A 223 4.50 -18.86 -7.32
C PHE A 223 3.49 -19.87 -7.83
N GLN A 224 3.05 -19.70 -9.07
CA GLN A 224 2.08 -20.60 -9.70
C GLN A 224 2.63 -22.03 -9.81
N GLU A 225 3.91 -22.16 -10.20
CA GLU A 225 4.59 -23.47 -10.21
C GLU A 225 4.48 -24.17 -8.86
N GLU A 226 4.70 -23.40 -7.79
CA GLU A 226 4.75 -23.98 -6.45
C GLU A 226 3.37 -24.40 -6.01
N VAL A 227 2.38 -23.57 -6.30
CA VAL A 227 0.98 -23.89 -6.06
C VAL A 227 0.59 -25.16 -6.85
N ASP A 228 0.93 -25.19 -8.13
CA ASP A 228 0.64 -26.36 -8.96
C ASP A 228 1.22 -27.63 -8.34
N LYS A 229 2.49 -27.58 -7.89
CA LYS A 229 3.12 -28.75 -7.24
C LYS A 229 2.43 -29.18 -5.95
N ARG A 230 1.58 -28.32 -5.40
CA ARG A 230 0.86 -28.63 -4.16
C ARG A 230 -0.66 -28.53 -4.34
N LYS A 231 -1.13 -28.80 -5.56
CA LYS A 231 -2.55 -28.69 -5.84
C LYS A 231 -3.42 -29.45 -4.84
N GLU A 232 -3.21 -30.75 -4.70
CA GLU A 232 -4.06 -31.55 -3.80
C GLU A 232 -3.93 -31.17 -2.33
N GLU A 233 -2.72 -30.84 -1.90
CA GLU A 233 -2.46 -30.48 -0.50
C GLU A 233 -3.24 -29.21 -0.14
N LEU A 234 -3.15 -28.22 -1.01
CA LEU A 234 -3.88 -26.96 -0.89
C LEU A 234 -5.40 -27.21 -0.85
N GLU A 235 -5.91 -27.99 -1.80
CA GLU A 235 -7.36 -28.30 -1.90
C GLU A 235 -7.87 -29.05 -0.69
N LYS A 236 -7.05 -29.95 -0.14
CA LYS A 236 -7.41 -30.70 1.07
C LYS A 236 -7.56 -29.74 2.26
N ALA A 237 -6.72 -28.71 2.29
CA ALA A 237 -6.74 -27.73 3.39
C ALA A 237 -7.80 -26.68 3.13
N GLY A 238 -8.40 -26.73 1.94
CA GLY A 238 -9.42 -25.74 1.57
C GLY A 238 -8.81 -24.40 1.22
N VAL A 239 -7.53 -24.41 0.86
CA VAL A 239 -6.81 -23.19 0.48
C VAL A 239 -6.93 -22.89 -1.02
N ASN A 240 -7.45 -21.71 -1.36
N ASN A 240 -7.42 -21.71 -1.37
CA ASN A 240 -7.54 -21.24 -2.77
CA ASN A 240 -7.51 -21.32 -2.77
C ASN A 240 -6.39 -20.27 -3.00
C ASN A 240 -6.52 -20.19 -3.08
N TYR A 241 -5.75 -20.37 -4.16
CA TYR A 241 -4.73 -19.42 -4.56
C TYR A 241 -5.32 -18.45 -5.55
N ARG A 242 -5.11 -17.16 -5.28
CA ARG A 242 -5.68 -16.10 -6.09
C ARG A 242 -4.55 -15.18 -6.53
N TYR A 243 -4.17 -15.27 -7.81
CA TYR A 243 -3.18 -14.36 -8.34
C TYR A 243 -3.88 -13.07 -8.82
N MET A 244 -3.33 -11.92 -8.46
CA MET A 244 -3.93 -10.63 -8.84
C MET A 244 -2.87 -9.66 -9.39
N LEU A 245 -3.31 -8.58 -10.01
CA LEU A 245 -2.44 -7.42 -10.28
C LEU A 245 -2.36 -6.64 -8.97
N ILE A 246 -1.18 -6.10 -8.66
CA ILE A 246 -0.89 -5.57 -7.33
C ILE A 246 -1.81 -4.42 -6.89
N ASP A 247 -2.19 -3.55 -7.84
CA ASP A 247 -3.04 -2.42 -7.51
C ASP A 247 -4.50 -2.84 -7.31
N ASP A 248 -4.97 -3.78 -8.13
CA ASP A 248 -6.23 -4.49 -7.88
C ASP A 248 -6.28 -5.18 -6.50
N ALA A 249 -5.22 -5.89 -6.13
CA ALA A 249 -5.14 -6.56 -4.83
C ALA A 249 -5.30 -5.59 -3.66
N ALA A 250 -4.56 -4.48 -3.72
CA ALA A 250 -4.59 -3.49 -2.65
C ALA A 250 -6.00 -2.92 -2.47
N ALA A 251 -6.65 -2.60 -3.58
CA ALA A 251 -8.05 -2.14 -3.59
C ALA A 251 -9.02 -3.18 -3.03
N GLN A 252 -8.89 -4.42 -3.48
CA GLN A 252 -9.72 -5.51 -2.96
C GLN A 252 -9.48 -5.80 -1.47
N ILE A 253 -8.23 -5.72 -1.02
CA ILE A 253 -7.93 -5.95 0.41
C ILE A 253 -8.76 -5.00 1.26
N LEU A 254 -8.65 -3.72 0.97
CA LEU A 254 -9.35 -2.70 1.73
C LEU A 254 -10.87 -2.86 1.72
N ARG A 255 -11.35 -3.57 0.69
CA ARG A 255 -12.76 -3.74 0.42
C ARG A 255 -13.29 -5.04 1.05
N SER A 256 -12.37 -5.92 1.44
CA SER A 256 -12.73 -7.29 1.84
C SER A 256 -13.17 -7.43 3.30
N GLU A 257 -13.60 -8.64 3.65
CA GLU A 257 -13.89 -9.00 5.04
C GLU A 257 -12.62 -9.42 5.81
N GLY A 258 -11.48 -9.41 5.11
CA GLY A 258 -10.22 -9.98 5.59
C GLY A 258 -10.22 -11.50 5.49
N GLY A 259 -9.30 -12.16 6.19
CA GLY A 259 -9.35 -13.61 6.30
C GLY A 259 -8.39 -14.39 5.42
N MET A 260 -7.53 -13.68 4.67
CA MET A 260 -6.63 -14.31 3.74
C MET A 260 -5.17 -14.01 4.11
N LEU A 261 -4.26 -14.83 3.60
CA LEU A 261 -2.85 -14.49 3.56
C LEU A 261 -2.59 -13.65 2.32
N TRP A 262 -2.05 -12.45 2.51
CA TRP A 262 -1.57 -11.64 1.38
C TRP A 262 -0.06 -11.74 1.29
N ALA A 263 0.42 -12.51 0.33
CA ALA A 263 1.84 -12.69 0.09
C ALA A 263 2.32 -11.49 -0.75
N CYS A 264 3.38 -10.84 -0.31
CA CYS A 264 3.85 -9.61 -0.96
C CYS A 264 5.33 -9.72 -1.29
N MET A 265 5.73 -9.15 -2.42
CA MET A 265 7.14 -8.95 -2.73
C MET A 265 7.74 -8.00 -1.70
N ASN A 266 9.06 -7.84 -1.73
CA ASN A 266 9.80 -7.23 -0.62
C ASN A 266 9.33 -5.79 -0.20
N TYR A 267 9.38 -4.86 -1.16
CA TYR A 267 9.01 -3.47 -0.95
C TYR A 267 7.54 -3.29 -0.54
N GLU A 268 6.63 -3.86 -1.32
CA GLU A 268 5.21 -3.88 -1.02
C GLU A 268 4.92 -4.47 0.36
N GLY A 269 5.62 -5.55 0.71
CA GLY A 269 5.43 -6.22 2.02
C GLY A 269 5.92 -5.34 3.15
N ASP A 270 7.02 -4.60 2.92
CA ASP A 270 7.52 -3.65 3.90
C ASP A 270 6.42 -2.60 4.18
N ILE A 271 5.90 -2.00 3.12
CA ILE A 271 4.82 -1.01 3.24
C ILE A 271 3.51 -1.59 3.81
N MET A 272 3.03 -2.67 3.22
CA MET A 272 1.73 -3.23 3.59
C MET A 272 1.69 -3.86 4.95
N SER A 273 2.80 -4.39 5.44
CA SER A 273 2.73 -4.93 6.80
C SER A 273 2.42 -3.80 7.75
N ASP A 274 3.08 -2.66 7.55
CA ASP A 274 2.78 -1.48 8.39
C ASP A 274 1.40 -0.89 8.17
N MET A 275 1.00 -0.78 6.90
CA MET A 275 -0.30 -0.19 6.55
C MET A 275 -1.45 -1.04 7.05
N ILE A 276 -1.37 -2.35 6.84
CA ILE A 276 -2.42 -3.25 7.30
C ILE A 276 -2.43 -3.36 8.83
N ALA A 277 -1.25 -3.38 9.46
CA ALA A 277 -1.19 -3.37 10.92
C ALA A 277 -1.93 -2.13 11.43
N SER A 278 -1.70 -0.99 10.78
CA SER A 278 -2.35 0.24 11.14
C SER A 278 -3.86 0.17 11.03
N GLY A 279 -4.36 -0.49 9.97
CA GLY A 279 -5.80 -0.67 9.79
C GLY A 279 -6.46 -1.51 10.88
N PHE A 280 -5.68 -2.41 11.50
CA PHE A 280 -6.21 -3.23 12.58
C PHE A 280 -6.21 -2.54 13.93
N GLY A 281 -5.31 -1.59 14.15
CA GLY A 281 -5.27 -0.86 15.45
C GLY A 281 -3.88 -0.81 16.09
N SER A 282 -3.73 -1.37 17.29
CA SER A 282 -2.47 -1.32 18.03
C SER A 282 -1.49 -2.40 17.60
N LEU A 283 -0.21 -2.03 17.46
CA LEU A 283 0.86 -3.00 17.26
C LEU A 283 0.96 -3.98 18.39
N GLY A 284 0.46 -3.59 19.55
CA GLY A 284 0.38 -4.49 20.69
C GLY A 284 -0.42 -5.76 20.45
N LEU A 285 -1.27 -5.75 19.43
CA LEU A 285 -2.10 -6.91 19.08
C LEU A 285 -1.62 -7.58 17.78
N MET A 286 -0.39 -7.31 17.35
CA MET A 286 0.13 -7.94 16.15
C MET A 286 1.06 -9.12 16.47
N THR A 287 0.71 -10.31 15.98
CA THR A 287 1.56 -11.47 16.17
C THR A 287 2.44 -11.64 14.96
N SER A 288 3.51 -12.40 15.13
CA SER A 288 4.41 -12.67 14.04
C SER A 288 4.93 -14.10 14.13
N VAL A 289 5.13 -14.72 12.97
CA VAL A 289 5.64 -16.11 12.98
C VAL A 289 6.42 -16.37 11.73
N LEU A 290 7.67 -16.78 11.90
CA LEU A 290 8.48 -17.26 10.81
C LEU A 290 8.14 -18.71 10.51
N VAL A 291 7.91 -19.02 9.23
CA VAL A 291 7.75 -20.39 8.79
C VAL A 291 8.74 -20.60 7.65
N SER A 292 9.41 -21.75 7.64
CA SER A 292 10.32 -22.11 6.54
C SER A 292 9.71 -23.22 5.66
N PRO A 293 10.28 -23.46 4.47
CA PRO A 293 9.81 -24.52 3.57
C PRO A 293 9.84 -25.90 4.24
N ASP A 294 10.82 -26.12 5.11
CA ASP A 294 10.95 -27.38 5.81
C ASP A 294 10.24 -27.40 7.17
N GLY A 295 9.27 -26.50 7.36
CA GLY A 295 8.37 -26.59 8.50
C GLY A 295 8.87 -26.14 9.85
N VAL A 296 9.91 -25.31 9.86
CA VAL A 296 10.41 -24.76 11.12
C VAL A 296 9.59 -23.53 11.46
N TYR A 297 9.22 -23.36 12.73
CA TYR A 297 8.32 -22.28 13.15
C TYR A 297 8.98 -21.53 14.29
N GLU A 298 8.94 -20.20 14.20
CA GLU A 298 9.51 -19.35 15.22
C GLU A 298 8.57 -18.20 15.50
N PHE A 299 8.06 -18.16 16.73
CA PHE A 299 7.04 -17.17 17.14
C PHE A 299 7.66 -15.95 17.85
N GLU A 300 7.12 -14.78 17.52
N GLU A 300 7.13 -14.77 17.54
CA GLU A 300 7.59 -13.54 18.09
CA GLU A 300 7.69 -13.53 18.05
C GLU A 300 6.43 -12.57 18.12
C GLU A 300 6.65 -12.41 17.93
N ALA A 301 6.55 -11.53 18.94
CA ALA A 301 5.65 -10.37 18.85
C ALA A 301 6.15 -9.53 17.69
N ALA A 302 5.24 -8.82 17.01
CA ALA A 302 5.64 -7.97 15.87
C ALA A 302 6.36 -6.68 16.29
N HIS A 303 6.12 -6.18 17.49
CA HIS A 303 6.72 -4.92 17.94
C HIS A 303 8.24 -5.03 18.28
N GLY A 304 8.88 -3.91 18.59
CA GLY A 304 10.28 -3.93 19.02
C GLY A 304 10.48 -4.06 20.53
N THR A 305 11.61 -3.52 21.01
CA THR A 305 12.03 -3.63 22.39
C THR A 305 11.36 -2.60 23.30
N VAL A 306 10.63 -1.66 22.71
CA VAL A 306 9.89 -0.62 23.47
C VAL A 306 10.83 0.15 24.38
N ARG A 307 11.86 0.73 23.79
N ARG A 307 11.81 0.79 23.77
CA ARG A 307 12.95 1.35 24.54
CA ARG A 307 12.86 1.54 24.44
C ARG A 307 12.48 2.53 25.39
C ARG A 307 12.31 2.75 25.21
N ARG A 308 11.51 3.29 24.91
N ARG A 308 11.26 3.37 24.72
CA ARG A 308 11.09 4.47 25.66
CA ARG A 308 10.70 4.51 25.43
C ARG A 308 10.29 4.11 26.93
C ARG A 308 10.29 4.09 26.84
N HIS A 309 9.56 3.00 26.92
CA HIS A 309 9.00 2.48 28.19
C HIS A 309 10.10 1.95 29.08
N TYR A 310 11.07 1.28 28.47
CA TYR A 310 12.24 0.80 29.19
C TYR A 310 13.00 1.94 29.90
N TYR A 311 13.19 3.08 29.24
CA TYR A 311 13.89 4.20 29.90
C TYR A 311 13.13 4.72 31.10
N ARG A 312 11.82 4.62 31.05
CA ARG A 312 10.93 4.98 32.16
C ARG A 312 11.02 3.96 33.28
N TYR A 313 10.98 2.67 32.94
CA TYR A 313 11.23 1.58 33.88
C TYR A 313 12.57 1.73 34.66
N LEU A 314 13.62 2.16 33.95
CA LEU A 314 14.96 2.39 34.53
C LEU A 314 14.97 3.52 35.54
N LYS A 315 13.93 4.34 35.51
CA LYS A 315 13.80 5.41 36.48
C LYS A 315 12.88 5.00 37.63
N GLY A 316 12.48 3.72 37.65
CA GLY A 316 11.70 3.16 38.74
C GLY A 316 10.24 2.91 38.42
N GLU A 317 9.79 3.33 37.24
CA GLU A 317 8.38 3.43 36.95
C GLU A 317 7.73 2.13 36.47
N LYS A 318 6.47 1.95 36.82
CA LYS A 318 5.57 1.01 36.13
C LYS A 318 5.19 1.60 34.78
N THR A 319 4.98 0.74 33.79
CA THR A 319 4.58 1.15 32.46
C THR A 319 3.25 0.48 32.17
N SER A 320 2.62 0.93 31.09
CA SER A 320 1.43 0.28 30.58
C SER A 320 1.74 -0.39 29.23
N THR A 321 2.84 -1.14 29.17
CA THR A 321 3.27 -1.84 27.96
C THR A 321 2.38 -3.06 27.78
N ASN A 322 1.94 -3.27 26.54
CA ASN A 322 1.05 -4.38 26.22
C ASN A 322 1.81 -5.69 26.04
N PRO A 323 1.55 -6.67 26.91
CA PRO A 323 2.21 -7.96 26.77
C PRO A 323 1.48 -8.92 25.84
N THR A 324 0.39 -8.48 25.23
CA THR A 324 -0.53 -9.40 24.57
C THR A 324 0.15 -10.19 23.47
N ALA A 325 0.88 -9.48 22.62
CA ALA A 325 1.58 -10.09 21.49
C ALA A 325 2.67 -11.05 21.93
N SER A 326 3.41 -10.70 22.98
CA SER A 326 4.40 -11.64 23.57
C SER A 326 3.75 -12.91 24.14
N ILE A 327 2.62 -12.76 24.82
CA ILE A 327 1.89 -13.93 25.32
C ILE A 327 1.53 -14.88 24.16
N PHE A 328 0.99 -14.31 23.09
CA PHE A 328 0.53 -15.07 21.94
C PHE A 328 1.69 -15.70 21.14
N ALA A 329 2.89 -15.13 21.26
CA ALA A 329 4.10 -15.77 20.75
C ALA A 329 4.35 -17.05 21.53
N TRP A 330 4.30 -16.95 22.86
CA TRP A 330 4.37 -18.15 23.71
C TRP A 330 3.29 -19.18 23.43
N THR A 331 2.04 -18.74 23.33
CA THR A 331 0.96 -19.71 23.11
C THR A 331 1.03 -20.31 21.72
N GLY A 332 1.45 -19.51 20.72
CA GLY A 332 1.64 -20.02 19.38
C GLY A 332 2.66 -21.15 19.36
N ALA A 333 3.81 -20.92 19.96
CA ALA A 333 4.89 -21.89 20.08
C ALA A 333 4.43 -23.14 20.81
N ILE A 334 3.71 -22.93 21.92
CA ILE A 334 3.20 -24.03 22.75
C ILE A 334 2.23 -24.92 21.99
N ARG A 335 1.25 -24.30 21.33
N ARG A 335 1.27 -24.30 21.31
CA ARG A 335 0.29 -25.03 20.49
CA ARG A 335 0.29 -25.01 20.49
C ARG A 335 1.03 -25.83 19.43
C ARG A 335 0.99 -25.82 19.40
N LYS A 336 1.92 -25.18 18.68
CA LYS A 336 2.67 -25.88 17.65
C LYS A 336 3.44 -27.07 18.22
N ARG A 337 4.11 -26.86 19.35
CA ARG A 337 4.90 -27.94 19.94
C ARG A 337 3.95 -29.07 20.29
N GLY A 338 2.79 -28.69 20.85
CA GLY A 338 1.72 -29.63 21.16
C GLY A 338 1.22 -30.43 19.98
N GLU A 339 0.92 -29.75 18.88
CA GLU A 339 0.44 -30.43 17.66
C GLU A 339 1.49 -31.42 17.12
N LEU A 340 2.75 -30.99 17.06
CA LEU A 340 3.85 -31.84 16.63
C LEU A 340 4.03 -33.10 17.50
N ASP A 341 3.96 -32.95 18.83
CA ASP A 341 4.22 -34.03 19.78
C ASP A 341 3.03 -34.96 19.95
N GLY A 342 1.87 -34.53 19.46
CA GLY A 342 0.65 -35.33 19.58
C GLY A 342 0.12 -35.28 21.00
N THR A 343 0.20 -34.11 21.62
CA THR A 343 -0.14 -34.00 23.04
C THR A 343 -1.23 -32.95 23.26
N PRO A 344 -2.51 -33.35 23.14
CA PRO A 344 -3.63 -32.39 23.08
C PRO A 344 -3.80 -31.51 24.32
N GLU A 345 -3.34 -31.97 25.49
CA GLU A 345 -3.35 -31.13 26.71
C GLU A 345 -2.50 -29.90 26.57
N VAL A 346 -1.47 -29.99 25.73
CA VAL A 346 -0.57 -28.86 25.49
C VAL A 346 -1.26 -27.77 24.64
N CYS A 347 -1.84 -28.17 23.50
CA CYS A 347 -2.77 -27.33 22.71
C CYS A 347 -3.90 -26.70 23.54
N GLU A 348 -4.56 -27.51 24.37
N GLU A 348 -4.56 -27.52 24.37
CA GLU A 348 -5.61 -27.00 25.24
CA GLU A 348 -5.62 -27.03 25.24
C GLU A 348 -5.10 -25.85 26.11
C GLU A 348 -5.14 -25.89 26.15
N PHE A 349 -3.95 -26.06 26.74
CA PHE A 349 -3.39 -25.02 27.58
C PHE A 349 -3.19 -23.70 26.80
N ALA A 350 -2.66 -23.82 25.58
CA ALA A 350 -2.37 -22.64 24.75
C ALA A 350 -3.69 -21.94 24.43
N ASP A 351 -4.72 -22.73 24.11
CA ASP A 351 -6.06 -22.18 23.87
C ASP A 351 -6.57 -21.41 25.06
N LYS A 352 -6.46 -21.99 26.25
CA LYS A 352 -6.96 -21.38 27.49
C LYS A 352 -6.29 -20.06 27.85
N LEU A 353 -4.96 -20.00 27.70
CA LEU A 353 -4.21 -18.76 27.96
C LEU A 353 -4.56 -17.64 26.97
N GLU A 354 -4.58 -17.98 25.68
CA GLU A 354 -5.12 -17.10 24.66
C GLU A 354 -6.54 -16.62 25.01
N LYS A 355 -7.43 -17.55 25.31
CA LYS A 355 -8.78 -17.17 25.74
C LYS A 355 -8.76 -16.22 26.97
N ALA A 356 -7.84 -16.45 27.90
CA ALA A 356 -7.74 -15.62 29.09
C ALA A 356 -7.36 -14.17 28.79
N VAL A 357 -6.45 -13.98 27.83
CA VAL A 357 -6.06 -12.64 27.39
C VAL A 357 -7.27 -11.92 26.77
N ILE A 358 -7.92 -12.59 25.84
CA ILE A 358 -9.09 -12.04 25.16
C ILE A 358 -10.22 -11.72 26.14
N ASN A 359 -10.49 -12.64 27.08
CA ASN A 359 -11.45 -12.38 28.14
C ASN A 359 -11.07 -11.14 28.96
N THR A 360 -9.76 -10.93 29.16
CA THR A 360 -9.28 -9.82 29.97
C THR A 360 -9.65 -8.48 29.30
N ILE A 361 -9.33 -8.37 28.02
CA ILE A 361 -9.58 -7.16 27.23
C ILE A 361 -11.08 -6.92 27.05
N GLU A 362 -11.80 -7.95 26.64
CA GLU A 362 -13.24 -7.82 26.42
C GLU A 362 -13.96 -7.45 27.72
N SER A 363 -13.39 -7.81 28.87
CA SER A 363 -14.00 -7.45 30.16
C SER A 363 -13.67 -6.00 30.51
N GLY A 364 -12.95 -5.30 29.65
CA GLY A 364 -12.67 -3.89 29.89
C GLY A 364 -11.34 -3.59 30.58
N VAL A 365 -10.48 -4.60 30.72
CA VAL A 365 -9.20 -4.42 31.38
C VAL A 365 -8.12 -4.38 30.30
N ILE A 366 -7.59 -3.18 30.07
CA ILE A 366 -6.71 -2.92 28.94
C ILE A 366 -5.47 -2.17 29.39
N THR A 367 -4.40 -2.29 28.58
CA THR A 367 -3.25 -1.37 28.70
C THR A 367 -3.48 -0.13 27.81
N LYS A 368 -2.66 0.90 28.06
CA LYS A 368 -2.86 2.23 27.53
C LYS A 368 -2.95 2.30 26.00
N ASP A 369 -2.09 1.54 25.30
CA ASP A 369 -2.14 1.50 23.82
C ASP A 369 -3.54 1.15 23.24
N LEU A 370 -4.37 0.39 23.95
CA LEU A 370 -5.66 -0.04 23.38
C LEU A 370 -6.75 1.01 23.53
N GLN A 371 -6.50 1.91 24.45
CA GLN A 371 -7.49 2.88 24.81
C GLN A 371 -8.14 3.65 23.66
N PRO A 372 -7.34 4.27 22.75
CA PRO A 372 -8.03 5.04 21.69
C PRO A 372 -8.75 4.19 20.64
N PHE A 373 -8.66 2.86 20.76
CA PHE A 373 -9.31 1.95 19.82
C PHE A 373 -10.57 1.29 20.38
N THR A 374 -10.87 1.51 21.65
CA THR A 374 -11.96 0.80 22.30
C THR A 374 -13.34 1.28 21.85
N GLU A 375 -14.28 0.33 21.73
CA GLU A 375 -15.70 0.63 21.45
C GLU A 375 -16.67 -0.35 22.15
N PRO A 376 -17.49 0.17 23.08
CA PRO A 376 -17.53 1.56 23.56
C PRO A 376 -16.18 2.00 24.17
N PRO A 377 -15.90 3.33 24.15
CA PRO A 377 -14.63 3.80 24.70
C PRO A 377 -14.41 3.35 26.15
N ILE A 378 -13.19 2.94 26.46
CA ILE A 378 -12.84 2.55 27.83
C ILE A 378 -12.02 3.69 28.44
N ASP A 379 -12.41 4.10 29.66
CA ASP A 379 -11.84 5.24 30.34
C ASP A 379 -10.53 4.92 31.04
N LYS A 380 -10.49 3.75 31.68
CA LYS A 380 -9.34 3.37 32.48
C LYS A 380 -8.43 2.33 31.82
N TYR A 381 -7.15 2.36 32.20
CA TYR A 381 -6.21 1.34 31.77
C TYR A 381 -5.27 1.02 32.90
N VAL A 382 -4.63 -0.14 32.78
CA VAL A 382 -3.84 -0.63 33.89
C VAL A 382 -2.38 -0.78 33.48
N THR A 383 -1.53 -1.04 34.45
CA THR A 383 -0.12 -1.23 34.20
C THR A 383 0.07 -2.61 33.58
N LEU A 384 1.24 -2.82 32.99
CA LEU A 384 1.63 -4.12 32.49
C LEU A 384 1.41 -5.26 33.52
N GLU A 385 1.83 -5.06 34.77
CA GLU A 385 1.74 -6.11 35.79
C GLU A 385 0.29 -6.36 36.20
N GLU A 386 -0.50 -5.30 36.27
CA GLU A 386 -1.92 -5.46 36.59
C GLU A 386 -2.60 -6.25 35.51
N PHE A 387 -2.23 -5.97 34.27
CA PHE A 387 -2.82 -6.67 33.12
C PHE A 387 -2.47 -8.16 33.16
N ILE A 388 -1.20 -8.47 33.40
CA ILE A 388 -0.76 -9.88 33.50
C ILE A 388 -1.45 -10.61 34.67
N ASP A 389 -1.62 -9.90 35.79
CA ASP A 389 -2.30 -10.45 36.95
C ASP A 389 -3.75 -10.77 36.61
N GLU A 390 -4.38 -9.90 35.83
CA GLU A 390 -5.76 -10.13 35.38
C GLU A 390 -5.85 -11.32 34.40
N VAL A 391 -4.89 -11.44 33.51
CA VAL A 391 -4.80 -12.59 32.61
C VAL A 391 -4.63 -13.88 33.44
N LYS A 392 -3.74 -13.85 34.43
CA LYS A 392 -3.50 -15.01 35.28
C LYS A 392 -4.80 -15.45 35.98
N LYS A 393 -5.50 -14.49 36.56
CA LYS A 393 -6.82 -14.70 37.15
C LYS A 393 -7.78 -15.36 36.20
N ASN A 394 -7.88 -14.82 35.01
CA ASN A 394 -8.81 -15.37 34.03
C ASN A 394 -8.38 -16.73 33.48
N LEU A 395 -7.06 -16.99 33.40
CA LEU A 395 -6.54 -18.34 33.12
C LEU A 395 -7.03 -19.36 34.17
N GLU A 396 -6.87 -19.00 35.45
CA GLU A 396 -7.22 -19.89 36.54
C GLU A 396 -8.69 -20.29 36.45
N LYS A 397 -9.54 -19.35 36.01
CA LYS A 397 -10.99 -19.59 35.86
C LYS A 397 -11.34 -20.67 34.85
N LEU A 398 -10.40 -20.94 33.94
CA LEU A 398 -10.59 -21.86 32.83
C LEU A 398 -9.91 -23.20 33.07
N LEU A 399 -8.95 -23.20 33.99
CA LEU A 399 -8.16 -24.41 34.27
C LEU A 399 -8.93 -25.40 35.15
N VAL B 4 -25.22 34.35 -16.81
CA VAL B 4 -23.92 33.99 -16.22
C VAL B 4 -22.85 33.94 -17.36
N LYS B 5 -21.86 34.86 -17.37
CA LYS B 5 -20.91 35.07 -18.48
C LYS B 5 -19.78 34.04 -18.62
N VAL B 6 -18.67 34.26 -17.90
CA VAL B 6 -17.41 33.52 -18.08
C VAL B 6 -16.55 34.21 -19.15
N LYS B 7 -15.67 35.11 -18.69
CA LYS B 7 -14.86 35.97 -19.55
C LYS B 7 -14.08 35.21 -20.64
N ASN B 8 -13.33 34.19 -20.21
CA ASN B 8 -12.49 33.40 -21.11
C ASN B 8 -13.09 32.02 -21.42
N PRO B 9 -12.78 31.46 -22.61
CA PRO B 9 -13.16 30.10 -23.03
C PRO B 9 -12.52 28.93 -22.25
N ILE B 10 -13.24 27.80 -22.25
CA ILE B 10 -12.73 26.52 -21.73
C ILE B 10 -12.64 25.53 -22.90
N VAL B 11 -11.57 24.74 -22.93
CA VAL B 11 -11.37 23.71 -23.95
C VAL B 11 -12.13 22.43 -23.55
N GLU B 12 -13.01 21.95 -24.43
CA GLU B 12 -13.85 20.79 -24.15
C GLU B 12 -13.46 19.61 -25.02
N LEU B 13 -13.23 18.46 -24.39
CA LEU B 13 -12.79 17.27 -25.13
C LEU B 13 -13.82 16.14 -25.07
N ASP B 14 -14.52 15.91 -26.18
CA ASP B 14 -15.52 14.85 -26.28
C ASP B 14 -14.84 13.50 -26.29
N GLY B 15 -15.57 12.46 -25.89
CA GLY B 15 -14.96 11.15 -25.72
C GLY B 15 -15.71 10.00 -26.36
N ASP B 16 -15.77 8.90 -25.63
CA ASP B 16 -16.25 7.66 -26.20
C ASP B 16 -17.35 6.96 -25.41
N GLU B 17 -18.13 6.18 -26.15
CA GLU B 17 -19.08 5.23 -25.59
C GLU B 17 -20.05 5.85 -24.56
N MET B 18 -20.30 5.17 -23.44
CA MET B 18 -21.30 5.66 -22.49
C MET B 18 -20.89 6.99 -21.86
N ALA B 19 -19.58 7.21 -21.70
CA ALA B 19 -19.04 8.47 -21.20
C ALA B 19 -19.48 9.63 -22.10
N ARG B 20 -19.32 9.45 -23.41
CA ARG B 20 -19.75 10.44 -24.41
C ARG B 20 -21.25 10.69 -24.32
N VAL B 21 -22.01 9.62 -24.03
CA VAL B 21 -23.46 9.71 -23.92
C VAL B 21 -23.88 10.59 -22.73
N MET B 22 -23.20 10.42 -21.60
CA MET B 22 -23.44 11.24 -20.40
C MET B 22 -22.95 12.66 -20.62
N TRP B 23 -21.82 12.79 -21.30
CA TRP B 23 -21.24 14.07 -21.68
C TRP B 23 -22.28 14.97 -22.37
N LYS B 24 -22.84 14.50 -23.48
CA LYS B 24 -23.84 15.29 -24.19
C LYS B 24 -25.01 15.63 -23.29
N MET B 25 -25.57 14.61 -22.64
CA MET B 25 -26.69 14.75 -21.71
C MET B 25 -26.47 15.86 -20.70
N ILE B 26 -25.28 15.90 -20.10
CA ILE B 26 -24.93 16.86 -19.07
C ILE B 26 -24.83 18.29 -19.59
N LYS B 27 -24.21 18.48 -20.74
CA LYS B 27 -24.14 19.81 -21.35
C LYS B 27 -25.56 20.34 -21.61
N GLU B 28 -26.35 19.57 -22.35
CA GLU B 28 -27.66 19.99 -22.84
C GLU B 28 -28.78 19.96 -21.78
N LYS B 29 -28.51 19.43 -20.59
CA LYS B 29 -29.50 19.44 -19.50
C LYS B 29 -29.07 20.25 -18.28
N LEU B 30 -27.76 20.30 -18.02
CA LEU B 30 -27.25 20.87 -16.76
C LEU B 30 -26.26 22.04 -16.91
N ILE B 31 -25.64 22.17 -18.09
CA ILE B 31 -24.63 23.21 -18.28
C ILE B 31 -25.14 24.36 -19.16
N LEU B 32 -25.35 24.07 -20.44
CA LEU B 32 -25.64 25.09 -21.45
C LEU B 32 -26.91 25.90 -21.21
N PRO B 33 -27.96 25.30 -20.60
CA PRO B 33 -29.17 26.07 -20.30
C PRO B 33 -28.91 27.18 -19.30
N TYR B 34 -27.71 27.15 -18.67
CA TYR B 34 -27.37 28.07 -17.59
C TYR B 34 -26.13 28.95 -17.75
N LEU B 35 -25.38 28.72 -18.86
CA LEU B 35 -24.11 29.48 -19.01
C LEU B 35 -23.74 29.97 -20.45
N ASP B 36 -23.32 31.24 -20.56
CA ASP B 36 -22.95 31.77 -21.89
C ASP B 36 -21.41 31.64 -22.13
N ILE B 37 -20.98 30.39 -22.39
CA ILE B 37 -19.57 30.05 -22.58
C ILE B 37 -19.09 29.64 -23.96
N GLN B 38 -17.85 30.04 -24.30
CA GLN B 38 -17.22 29.57 -25.52
C GLN B 38 -16.41 28.30 -25.21
N LEU B 39 -16.95 27.12 -25.56
CA LEU B 39 -16.23 25.88 -25.42
C LEU B 39 -15.39 25.68 -26.68
N VAL B 40 -14.07 25.57 -26.52
CA VAL B 40 -13.17 25.34 -27.65
C VAL B 40 -13.15 23.82 -27.90
N TYR B 41 -14.00 23.39 -28.83
CA TYR B 41 -14.41 22.00 -28.95
C TYR B 41 -13.42 21.10 -29.68
N PHE B 42 -13.09 19.98 -29.03
CA PHE B 42 -12.27 18.93 -29.65
C PHE B 42 -12.92 17.57 -29.43
N ASP B 43 -13.27 16.91 -30.55
CA ASP B 43 -13.82 15.56 -30.51
C ASP B 43 -12.70 14.53 -30.44
N LEU B 44 -12.45 14.00 -29.24
CA LEU B 44 -11.42 12.97 -29.10
C LEU B 44 -12.05 11.58 -29.11
N GLY B 45 -13.20 11.45 -29.77
CA GLY B 45 -13.80 10.16 -30.02
C GLY B 45 -12.86 9.33 -30.88
N ILE B 46 -12.89 8.02 -30.70
CA ILE B 46 -11.91 7.15 -31.37
C ILE B 46 -11.95 7.21 -32.91
N LYS B 47 -13.15 7.43 -33.47
CA LYS B 47 -13.32 7.55 -34.92
C LYS B 47 -12.64 8.82 -35.43
N LYS B 48 -12.90 9.95 -34.77
CA LYS B 48 -12.25 11.24 -35.06
C LYS B 48 -10.73 11.19 -34.87
N ARG B 49 -10.27 10.40 -33.91
CA ARG B 49 -8.84 10.22 -33.67
C ARG B 49 -8.20 9.40 -34.79
N ASP B 50 -8.85 8.31 -35.18
CA ASP B 50 -8.40 7.45 -36.27
C ASP B 50 -8.28 8.23 -37.59
N GLU B 51 -9.33 8.99 -37.93
CA GLU B 51 -9.35 9.80 -39.15
C GLU B 51 -8.19 10.80 -39.18
N THR B 52 -7.96 11.47 -38.06
CA THR B 52 -6.91 12.50 -37.95
C THR B 52 -5.53 11.91 -37.65
N ASP B 53 -5.45 10.58 -37.60
CA ASP B 53 -4.22 9.87 -37.23
C ASP B 53 -3.69 10.29 -35.85
N ASP B 54 -4.63 10.51 -34.92
CA ASP B 54 -4.32 10.88 -33.53
C ASP B 54 -3.97 12.37 -33.38
N GLN B 55 -4.04 13.14 -34.46
CA GLN B 55 -3.60 14.54 -34.41
C GLN B 55 -4.54 15.48 -33.64
N ILE B 56 -5.85 15.23 -33.73
CA ILE B 56 -6.83 16.02 -32.97
C ILE B 56 -6.55 15.92 -31.47
N THR B 57 -5.91 14.83 -31.06
CA THR B 57 -5.45 14.66 -29.68
C THR B 57 -4.39 15.73 -29.35
N ILE B 58 -3.31 15.76 -30.14
CA ILE B 58 -2.27 16.78 -29.98
C ILE B 58 -2.85 18.21 -30.10
N GLU B 59 -3.74 18.42 -31.07
CA GLU B 59 -4.42 19.73 -31.26
C GLU B 59 -5.18 20.19 -30.01
N ALA B 60 -5.82 19.22 -29.34
CA ALA B 60 -6.58 19.47 -28.12
C ALA B 60 -5.68 19.97 -27.00
N ALA B 61 -4.53 19.28 -26.84
CA ALA B 61 -3.56 19.60 -25.79
C ALA B 61 -2.90 20.98 -25.97
N LYS B 62 -2.65 21.37 -27.22
CA LYS B 62 -2.05 22.68 -27.51
C LYS B 62 -3.07 23.83 -27.21
N ALA B 63 -4.36 23.56 -27.46
CA ALA B 63 -5.46 24.49 -27.13
C ALA B 63 -5.56 24.70 -25.59
N ILE B 64 -5.51 23.64 -24.85
CA ILE B 64 -5.57 23.71 -23.36
C ILE B 64 -4.44 24.63 -22.74
N LYS B 65 -3.19 24.27 -23.19
CA LYS B 65 -2.02 25.03 -22.76
C LYS B 65 -2.22 26.52 -23.01
N LYS B 66 -2.87 26.83 -24.14
CA LYS B 66 -3.18 28.20 -24.50
C LYS B 66 -4.27 28.81 -23.58
N TYR B 67 -5.39 28.09 -23.38
CA TYR B 67 -6.56 28.69 -22.70
C TYR B 67 -6.64 28.40 -21.18
N GLY B 68 -5.74 27.54 -20.67
CA GLY B 68 -5.57 27.38 -19.21
C GLY B 68 -6.43 26.35 -18.51
N VAL B 69 -7.62 26.10 -19.04
CA VAL B 69 -8.52 25.12 -18.42
C VAL B 69 -9.15 24.21 -19.49
N GLY B 70 -9.06 22.90 -19.26
CA GLY B 70 -9.70 21.92 -20.12
C GLY B 70 -10.66 21.00 -19.37
N VAL B 71 -11.65 20.47 -20.09
CA VAL B 71 -12.54 19.44 -19.54
C VAL B 71 -12.65 18.28 -20.54
N LYS B 72 -12.28 17.08 -20.10
CA LYS B 72 -12.15 15.91 -20.97
C LYS B 72 -13.04 14.72 -20.61
N CYS B 73 -13.73 14.21 -21.63
CA CYS B 73 -14.55 12.99 -21.54
C CYS B 73 -13.63 11.78 -21.57
N ALA B 74 -14.03 10.70 -20.89
CA ALA B 74 -13.29 9.45 -20.98
C ALA B 74 -13.20 9.02 -22.45
N THR B 75 -12.01 8.57 -22.85
CA THR B 75 -11.75 8.10 -24.18
C THR B 75 -11.25 6.64 -24.19
N ILE B 76 -11.47 5.95 -25.30
CA ILE B 76 -10.93 4.61 -25.52
C ILE B 76 -9.42 4.64 -25.79
N THR B 77 -8.68 3.82 -25.06
CA THR B 77 -7.30 3.51 -25.40
C THR B 77 -7.35 2.18 -26.17
N PRO B 78 -7.07 2.22 -27.48
CA PRO B 78 -7.20 1.03 -28.33
C PRO B 78 -6.19 -0.08 -28.05
N ASP B 79 -6.68 -1.32 -28.07
CA ASP B 79 -5.86 -2.52 -28.09
C ASP B 79 -6.28 -3.28 -29.33
N ALA B 80 -5.78 -4.51 -29.50
CA ALA B 80 -6.10 -5.34 -30.66
C ALA B 80 -7.60 -5.54 -30.87
N GLU B 81 -8.32 -5.78 -29.78
N GLU B 81 -8.32 -5.78 -29.78
CA GLU B 81 -9.77 -5.98 -29.82
CA GLU B 81 -9.78 -5.98 -29.81
C GLU B 81 -10.49 -4.71 -30.30
C GLU B 81 -10.49 -4.71 -30.30
N ARG B 82 -10.05 -3.55 -29.80
CA ARG B 82 -10.63 -2.25 -30.17
C ARG B 82 -10.33 -1.84 -31.62
N VAL B 83 -9.19 -2.28 -32.14
CA VAL B 83 -8.82 -2.03 -33.53
C VAL B 83 -9.77 -2.78 -34.45
N LYS B 84 -10.09 -4.02 -34.08
CA LYS B 84 -11.03 -4.85 -34.82
C LYS B 84 -12.46 -4.30 -34.73
N GLU B 85 -12.82 -3.79 -33.56
CA GLU B 85 -14.17 -3.29 -33.28
C GLU B 85 -14.51 -2.02 -34.07
N TYR B 86 -13.56 -1.09 -34.12
CA TYR B 86 -13.81 0.21 -34.74
C TYR B 86 -13.09 0.34 -36.08
N ASN B 87 -12.50 -0.75 -36.54
CA ASN B 87 -11.79 -0.83 -37.83
C ASN B 87 -10.72 0.24 -37.96
N LEU B 88 -9.80 0.28 -37.01
CA LEU B 88 -8.80 1.34 -36.91
C LEU B 88 -7.57 1.12 -37.81
N LYS B 89 -6.75 2.17 -37.94
CA LYS B 89 -5.48 2.12 -38.67
C LYS B 89 -4.36 1.47 -37.83
N LYS B 90 -4.22 1.95 -36.60
CA LYS B 90 -3.26 1.40 -35.63
C LYS B 90 -3.95 1.35 -34.27
N ALA B 91 -3.30 0.69 -33.31
CA ALA B 91 -3.67 0.83 -31.92
C ALA B 91 -3.02 2.13 -31.45
N TRP B 92 -3.76 3.23 -31.56
CA TRP B 92 -3.24 4.55 -31.26
C TRP B 92 -2.92 4.68 -29.78
N LYS B 93 -1.96 5.55 -29.46
CA LYS B 93 -1.56 5.79 -28.07
C LYS B 93 -2.65 6.48 -27.27
N SER B 94 -2.77 6.10 -26.00
CA SER B 94 -3.69 6.69 -25.04
C SER B 94 -3.69 8.20 -25.20
N PRO B 95 -4.87 8.80 -25.44
CA PRO B 95 -5.00 10.26 -25.44
C PRO B 95 -4.58 10.86 -24.09
N ASN B 96 -5.04 10.25 -23.00
CA ASN B 96 -4.66 10.73 -21.66
C ASN B 96 -3.14 10.84 -21.49
N ALA B 97 -2.42 9.79 -21.90
CA ALA B 97 -0.96 9.76 -21.86
C ALA B 97 -0.30 10.76 -22.82
N THR B 98 -0.94 10.97 -23.98
CA THR B 98 -0.46 11.93 -24.98
C THR B 98 -0.55 13.38 -24.45
N ILE B 99 -1.74 13.75 -23.99
CA ILE B 99 -2.03 15.06 -23.40
C ILE B 99 -1.15 15.30 -22.19
N ARG B 100 -1.17 14.35 -21.25
CA ARG B 100 -0.35 14.39 -20.03
C ARG B 100 1.08 14.85 -20.33
N ALA B 101 1.79 14.13 -21.21
CA ALA B 101 3.18 14.44 -21.52
C ALA B 101 3.37 15.84 -22.09
N TYR B 102 2.49 16.22 -23.03
CA TYR B 102 2.56 17.53 -23.70
C TYR B 102 2.40 18.68 -22.70
N LEU B 103 1.44 18.52 -21.79
CA LEU B 103 1.17 19.51 -20.74
C LEU B 103 2.13 19.39 -19.56
N ASP B 104 2.93 18.31 -19.53
CA ASP B 104 3.95 18.08 -18.47
C ASP B 104 3.29 17.98 -17.09
N GLY B 105 2.05 17.50 -17.09
CA GLY B 105 1.20 17.50 -15.92
C GLY B 105 1.21 16.23 -15.08
N THR B 106 0.75 16.39 -13.84
CA THR B 106 0.58 15.30 -12.90
C THR B 106 -0.92 15.23 -12.61
N VAL B 107 -1.43 14.01 -12.43
CA VAL B 107 -2.85 13.77 -12.19
C VAL B 107 -3.16 13.62 -10.70
N PHE B 108 -4.25 14.27 -10.28
CA PHE B 108 -4.65 14.23 -8.89
C PHE B 108 -6.07 13.70 -8.77
N ARG B 109 -6.24 12.70 -7.91
CA ARG B 109 -7.54 12.05 -7.71
C ARG B 109 -8.13 12.37 -6.35
N LYS B 110 -9.38 12.82 -6.34
CA LYS B 110 -10.03 13.27 -5.12
C LYS B 110 -11.45 12.73 -5.07
N PRO B 111 -11.80 12.00 -4.00
CA PRO B 111 -13.16 11.50 -3.84
C PRO B 111 -14.15 12.61 -3.51
N ILE B 112 -15.36 12.50 -4.02
CA ILE B 112 -16.48 13.33 -3.61
C ILE B 112 -17.15 12.66 -2.41
N MET B 113 -17.37 13.41 -1.34
CA MET B 113 -17.95 12.81 -0.15
C MET B 113 -19.45 13.09 0.00
N VAL B 114 -20.18 12.08 0.45
CA VAL B 114 -21.64 12.10 0.54
C VAL B 114 -22.06 11.34 1.80
N LYS B 115 -22.81 12.00 2.66
CA LYS B 115 -23.08 11.53 4.02
C LYS B 115 -23.70 10.13 4.14
N ASN B 116 -24.61 9.81 3.22
CA ASN B 116 -25.27 8.50 3.22
C ASN B 116 -24.55 7.48 2.35
N VAL B 117 -23.33 7.82 1.91
CA VAL B 117 -22.50 6.89 1.15
C VAL B 117 -21.08 6.93 1.76
N PRO B 118 -20.92 6.41 3.00
CA PRO B 118 -19.70 6.63 3.75
C PRO B 118 -18.52 5.76 3.29
N PRO B 119 -17.28 6.25 3.50
CA PRO B 119 -16.08 5.45 3.24
C PRO B 119 -16.03 4.15 4.06
N LEU B 120 -15.18 3.23 3.62
CA LEU B 120 -15.00 1.97 4.32
C LEU B 120 -14.05 2.11 5.51
N VAL B 121 -13.29 3.21 5.50
CA VAL B 121 -12.38 3.57 6.60
C VAL B 121 -13.04 4.60 7.50
N LYS B 122 -13.36 4.19 8.73
CA LYS B 122 -14.15 5.02 9.66
C LYS B 122 -13.59 6.43 9.92
N ARG B 123 -12.27 6.53 10.06
CA ARG B 123 -11.61 7.78 10.47
C ARG B 123 -11.66 8.86 9.37
N TRP B 124 -11.75 8.43 8.12
CA TRP B 124 -11.66 9.32 6.97
C TRP B 124 -12.88 10.21 6.88
N LYS B 125 -12.70 11.47 7.23
CA LYS B 125 -13.77 12.47 7.24
C LYS B 125 -13.58 13.51 6.16
N LYS B 126 -12.36 13.61 5.63
CA LYS B 126 -12.00 14.59 4.62
C LYS B 126 -11.35 13.85 3.46
N PRO B 127 -11.53 14.35 2.22
CA PRO B 127 -10.94 13.64 1.08
C PRO B 127 -9.43 13.49 1.18
N ILE B 128 -8.92 12.37 0.71
CA ILE B 128 -7.49 12.18 0.48
C ILE B 128 -7.23 12.25 -1.02
N ILE B 129 -6.36 13.17 -1.42
CA ILE B 129 -5.96 13.29 -2.79
C ILE B 129 -4.69 12.46 -2.99
N ILE B 130 -4.65 11.64 -4.04
CA ILE B 130 -3.43 10.96 -4.46
C ILE B 130 -2.89 11.63 -5.71
N GLY B 131 -1.63 12.07 -5.68
CA GLY B 131 -0.94 12.58 -6.84
C GLY B 131 0.17 11.62 -7.23
N ARG B 132 0.18 11.20 -8.50
CA ARG B 132 1.08 10.12 -8.94
C ARG B 132 2.12 10.63 -9.92
N HIS B 133 3.40 10.41 -9.59
CA HIS B 133 4.47 10.72 -10.51
C HIS B 133 4.47 9.65 -11.59
N ALA B 134 3.72 9.88 -12.66
CA ALA B 134 3.53 8.89 -13.71
C ALA B 134 4.62 8.89 -14.81
N TYR B 135 5.88 9.06 -14.41
CA TYR B 135 7.00 8.77 -15.31
C TYR B 135 8.04 7.86 -14.67
N GLY B 136 8.57 6.92 -15.46
CA GLY B 136 9.81 6.21 -15.13
C GLY B 136 9.71 5.08 -14.13
N ASP B 137 10.85 4.76 -13.50
CA ASP B 137 10.94 3.63 -12.56
C ASP B 137 10.60 2.31 -13.30
N ILE B 138 9.81 1.43 -12.69
CA ILE B 138 9.51 0.14 -13.30
C ILE B 138 8.73 0.22 -14.61
N TYR B 139 8.05 1.34 -14.84
CA TYR B 139 7.25 1.53 -16.04
C TYR B 139 8.10 1.76 -17.29
N ASN B 140 9.35 2.20 -17.10
CA ASN B 140 10.30 2.31 -18.21
C ASN B 140 11.54 1.45 -17.99
N ALA B 141 11.41 0.47 -17.11
CA ALA B 141 12.51 -0.42 -16.78
C ALA B 141 12.90 -1.36 -17.90
N VAL B 142 14.05 -2.00 -17.69
CA VAL B 142 14.64 -2.95 -18.62
C VAL B 142 14.93 -4.21 -17.78
N GLU B 143 14.56 -5.39 -18.27
CA GLU B 143 14.63 -6.60 -17.45
C GLU B 143 15.20 -7.80 -18.20
N ALA B 144 15.69 -8.79 -17.45
CA ALA B 144 16.24 -10.03 -18.00
C ALA B 144 16.29 -11.16 -16.99
N LYS B 145 15.92 -12.37 -17.45
CA LYS B 145 16.17 -13.63 -16.71
C LYS B 145 17.64 -13.98 -16.84
N VAL B 146 18.20 -14.53 -15.78
CA VAL B 146 19.61 -14.90 -15.73
C VAL B 146 19.72 -16.37 -15.37
N GLU B 147 20.43 -17.11 -16.22
CA GLU B 147 20.68 -18.51 -15.93
C GLU B 147 22.12 -18.74 -15.50
N GLY B 148 22.31 -19.66 -14.56
CA GLY B 148 23.60 -20.37 -14.46
C GLY B 148 24.54 -19.43 -13.81
N PRO B 149 25.84 -19.76 -13.80
CA PRO B 149 26.79 -18.78 -13.31
C PRO B 149 26.87 -17.60 -14.28
N ALA B 150 26.74 -16.39 -13.74
CA ALA B 150 26.80 -15.16 -14.52
C ALA B 150 27.02 -13.97 -13.61
N GLU B 151 27.64 -12.94 -14.18
CA GLU B 151 27.83 -11.66 -13.53
C GLU B 151 27.03 -10.63 -14.31
N VAL B 152 26.23 -9.87 -13.58
CA VAL B 152 25.44 -8.80 -14.17
C VAL B 152 25.95 -7.48 -13.63
N GLU B 153 26.04 -6.49 -14.52
CA GLU B 153 26.61 -5.20 -14.15
C GLU B 153 25.77 -4.03 -14.64
N LEU B 154 25.84 -2.94 -13.89
CA LEU B 154 25.30 -1.68 -14.34
C LEU B 154 26.44 -0.83 -14.84
N VAL B 155 26.32 -0.38 -16.10
CA VAL B 155 27.34 0.41 -16.74
C VAL B 155 26.81 1.79 -17.16
N VAL B 156 27.35 2.83 -16.54
CA VAL B 156 27.12 4.21 -16.95
C VAL B 156 28.29 4.59 -17.84
N ARG B 157 27.98 5.15 -19.01
CA ARG B 157 29.01 5.62 -19.93
C ARG B 157 28.85 7.09 -20.31
N ASN B 158 30.01 7.74 -20.36
CA ASN B 158 30.30 9.05 -21.01
C ASN B 158 31.06 10.17 -20.24
N LYS B 159 30.33 11.11 -19.64
CA LYS B 159 30.97 12.15 -18.82
C LYS B 159 31.81 11.52 -17.69
N GLU B 160 31.22 10.54 -17.02
CA GLU B 160 31.91 9.74 -16.02
C GLU B 160 31.61 8.29 -16.38
N ASN B 161 32.60 7.41 -16.20
CA ASN B 161 32.45 5.98 -16.55
C ASN B 161 32.48 5.09 -15.32
N LYS B 162 31.44 4.26 -15.18
CA LYS B 162 31.20 3.55 -13.94
C LYS B 162 30.65 2.13 -14.18
N THR B 163 31.19 1.15 -13.45
CA THR B 163 30.67 -0.23 -13.49
C THR B 163 30.38 -0.81 -12.09
N LEU B 164 29.11 -1.02 -11.82
CA LEU B 164 28.68 -1.60 -10.56
C LEU B 164 28.26 -3.04 -10.77
N LEU B 165 28.78 -3.94 -9.93
CA LEU B 165 28.28 -5.30 -9.87
C LEU B 165 26.87 -5.33 -9.30
N VAL B 166 25.92 -5.76 -10.12
CA VAL B 166 24.56 -5.91 -9.68
C VAL B 166 24.45 -7.17 -8.84
N HIS B 167 24.96 -8.28 -9.38
CA HIS B 167 24.99 -9.57 -8.69
C HIS B 167 25.82 -10.59 -9.44
N LYS B 168 26.59 -11.37 -8.70
CA LYS B 168 27.22 -12.56 -9.22
C LYS B 168 26.30 -13.77 -8.99
N PHE B 169 25.73 -14.27 -10.07
CA PHE B 169 24.78 -15.35 -9.98
C PHE B 169 25.47 -16.69 -9.95
N GLU B 170 25.10 -17.52 -8.98
N GLU B 170 25.17 -17.49 -8.93
CA GLU B 170 25.49 -18.92 -8.98
CA GLU B 170 25.47 -18.92 -8.98
C GLU B 170 24.34 -19.83 -9.48
C GLU B 170 24.28 -19.62 -9.64
N GLY B 171 23.14 -19.61 -8.95
CA GLY B 171 21.90 -20.19 -9.50
C GLY B 171 21.27 -19.21 -10.48
N ASN B 172 19.97 -19.38 -10.71
CA ASN B 172 19.20 -18.55 -11.62
C ASN B 172 18.40 -17.44 -10.92
N GLY B 173 18.08 -16.39 -11.67
CA GLY B 173 17.26 -15.32 -11.11
C GLY B 173 16.88 -14.29 -12.16
N VAL B 174 16.63 -13.07 -11.71
CA VAL B 174 16.21 -12.01 -12.60
C VAL B 174 16.88 -10.73 -12.18
N VAL B 175 17.04 -9.86 -13.16
CA VAL B 175 17.57 -8.51 -12.92
C VAL B 175 16.66 -7.46 -13.56
N MET B 176 16.76 -6.25 -13.05
CA MET B 176 16.04 -5.12 -13.59
C MET B 176 16.88 -3.86 -13.42
N ALA B 177 16.83 -2.98 -14.41
CA ALA B 177 17.40 -1.64 -14.22
C ALA B 177 16.39 -0.60 -14.65
N MET B 178 16.33 0.49 -13.91
CA MET B 178 15.38 1.57 -14.17
C MET B 178 16.05 2.92 -14.06
N HIS B 179 15.35 3.96 -14.47
CA HIS B 179 15.83 5.34 -14.40
C HIS B 179 14.69 6.27 -14.00
N ASN B 180 15.06 7.43 -13.50
CA ASN B 180 14.16 8.56 -13.51
C ASN B 180 14.94 9.84 -13.81
N LEU B 181 14.22 10.94 -14.02
CA LEU B 181 14.83 12.16 -14.53
C LEU B 181 14.56 13.35 -13.62
N GLU B 182 15.62 14.10 -13.33
CA GLU B 182 15.55 15.37 -12.60
C GLU B 182 14.35 16.24 -13.01
N LYS B 183 14.28 16.60 -14.30
CA LYS B 183 13.19 17.43 -14.83
C LYS B 183 11.80 16.87 -14.49
N SER B 184 11.65 15.57 -14.67
CA SER B 184 10.35 14.93 -14.49
C SER B 184 9.90 15.01 -13.04
N ILE B 185 10.85 14.79 -12.13
CA ILE B 185 10.60 14.83 -10.68
C ILE B 185 10.32 16.26 -10.23
N ARG B 186 11.05 17.23 -10.80
CA ARG B 186 10.82 18.63 -10.50
C ARG B 186 9.43 19.07 -10.95
N SER B 187 9.05 18.73 -12.18
CA SER B 187 7.71 19.01 -12.71
C SER B 187 6.63 18.43 -11.80
N PHE B 188 6.87 17.20 -11.34
CA PHE B 188 5.98 16.50 -10.41
C PHE B 188 5.80 17.29 -9.12
N ALA B 189 6.92 17.68 -8.50
CA ALA B 189 6.90 18.42 -7.23
C ALA B 189 6.18 19.76 -7.41
N GLN B 190 6.52 20.45 -8.51
CA GLN B 190 5.90 21.70 -8.91
C GLN B 190 4.38 21.60 -9.05
N SER B 191 3.92 20.60 -9.80
CA SER B 191 2.49 20.30 -9.95
C SER B 191 1.82 20.02 -8.59
N CYS B 192 2.51 19.26 -7.74
CA CYS B 192 2.00 18.97 -6.41
C CYS B 192 1.83 20.26 -5.58
N ILE B 193 2.84 21.12 -5.63
CA ILE B 193 2.79 22.40 -4.92
C ILE B 193 1.63 23.25 -5.44
N ASN B 194 1.48 23.34 -6.77
CA ASN B 194 0.37 24.05 -7.40
C ASN B 194 -0.97 23.52 -6.91
N TYR B 195 -1.15 22.21 -6.96
CA TYR B 195 -2.40 21.58 -6.55
C TYR B 195 -2.73 21.86 -5.09
N ALA B 196 -1.74 21.70 -4.23
CA ALA B 196 -1.92 21.90 -2.79
C ALA B 196 -2.27 23.34 -2.45
N ILE B 197 -1.63 24.30 -3.10
CA ILE B 197 -1.92 25.70 -2.89
C ILE B 197 -3.36 26.00 -3.36
N SER B 198 -3.73 25.46 -4.52
CA SER B 198 -5.08 25.60 -5.04
C SER B 198 -6.15 25.01 -4.10
N GLU B 199 -5.90 23.80 -3.61
CA GLU B 199 -6.84 23.08 -2.74
C GLU B 199 -6.77 23.49 -1.28
N LYS B 200 -5.68 24.18 -0.92
CA LYS B 200 -5.30 24.45 0.48
C LYS B 200 -5.30 23.19 1.36
N VAL B 201 -4.40 22.27 1.00
CA VAL B 201 -4.20 21.02 1.74
C VAL B 201 -2.70 20.82 1.96
N ASP B 202 -2.36 20.07 3.00
CA ASP B 202 -0.98 19.69 3.28
C ASP B 202 -0.44 18.74 2.22
N ILE B 203 0.89 18.73 2.03
CA ILE B 203 1.55 17.77 1.14
C ILE B 203 2.31 16.73 1.95
N TRP B 204 1.96 15.45 1.75
CA TRP B 204 2.76 14.35 2.24
C TRP B 204 3.51 13.74 1.06
N PHE B 205 4.84 13.73 1.17
CA PHE B 205 5.68 12.99 0.24
C PHE B 205 6.49 11.99 1.06
N ALA B 206 6.77 10.84 0.47
CA ALA B 206 7.43 9.75 1.17
C ALA B 206 8.22 8.84 0.21
N THR B 207 9.36 8.33 0.70
CA THR B 207 10.17 7.35 -0.01
C THR B 207 10.79 6.40 1.02
N LYS B 208 11.63 5.49 0.54
CA LYS B 208 12.38 4.59 1.41
C LYS B 208 13.85 4.96 1.33
N ASP B 209 14.14 6.24 1.52
CA ASP B 209 15.49 6.77 1.32
C ASP B 209 16.48 6.28 2.36
N THR B 210 15.98 5.60 3.40
CA THR B 210 16.83 4.98 4.42
C THR B 210 17.46 3.71 3.85
N ILE B 211 16.81 3.13 2.84
CA ILE B 211 17.36 2.00 2.10
C ILE B 211 17.97 2.48 0.78
N SER B 212 17.16 3.18 -0.03
CA SER B 212 17.58 3.66 -1.33
C SER B 212 18.22 5.03 -1.10
N LYS B 213 19.51 5.00 -0.84
CA LYS B 213 20.25 6.18 -0.40
C LYS B 213 20.67 7.10 -1.52
N VAL B 214 20.51 6.67 -2.76
CA VAL B 214 20.84 7.52 -3.91
C VAL B 214 19.57 7.80 -4.73
N TYR B 215 18.84 6.73 -5.05
CA TYR B 215 17.70 6.82 -5.96
C TYR B 215 16.49 7.50 -5.29
N HIS B 216 15.97 6.92 -4.21
CA HIS B 216 14.85 7.53 -3.48
C HIS B 216 15.25 8.87 -2.84
N ALA B 217 16.49 8.95 -2.34
CA ALA B 217 17.04 10.20 -1.82
C ALA B 217 16.95 11.35 -2.84
N TYR B 218 17.20 11.03 -4.11
CA TYR B 218 17.10 11.99 -5.23
C TYR B 218 15.72 12.64 -5.26
N PHE B 219 14.65 11.85 -5.15
CA PHE B 219 13.27 12.38 -5.11
C PHE B 219 13.03 13.25 -3.87
N LYS B 220 13.42 12.73 -2.70
CA LYS B 220 13.38 13.44 -1.43
C LYS B 220 14.03 14.82 -1.51
N ASP B 221 15.25 14.86 -2.08
CA ASP B 221 16.01 16.11 -2.18
C ASP B 221 15.37 17.09 -3.16
N ILE B 222 14.98 16.59 -4.32
CA ILE B 222 14.32 17.42 -5.31
C ILE B 222 12.98 17.97 -4.79
N PHE B 223 12.20 17.13 -4.12
CA PHE B 223 10.91 17.59 -3.62
C PHE B 223 11.13 18.70 -2.59
N GLN B 224 12.10 18.52 -1.69
CA GLN B 224 12.42 19.53 -0.69
C GLN B 224 12.92 20.83 -1.35
N GLU B 225 13.83 20.70 -2.32
CA GLU B 225 14.32 21.85 -3.08
C GLU B 225 13.16 22.67 -3.62
N GLU B 226 12.18 22.01 -4.22
CA GLU B 226 11.02 22.71 -4.79
C GLU B 226 10.12 23.34 -3.74
N VAL B 227 9.97 22.71 -2.59
CA VAL B 227 9.24 23.28 -1.47
C VAL B 227 9.97 24.53 -0.96
N ASP B 228 11.28 24.41 -0.76
CA ASP B 228 12.11 25.55 -0.36
C ASP B 228 11.89 26.73 -1.29
N LYS B 229 11.92 26.45 -2.60
CA LYS B 229 11.76 27.51 -3.61
C LYS B 229 10.44 28.26 -3.49
N ARG B 230 9.44 27.65 -2.85
CA ARG B 230 8.12 28.24 -2.83
C ARG B 230 7.56 28.38 -1.42
N LYS B 231 8.45 28.40 -0.43
CA LYS B 231 8.04 28.35 0.98
C LYS B 231 7.17 29.52 1.40
N GLU B 232 7.39 30.68 0.79
CA GLU B 232 6.62 31.87 1.11
C GLU B 232 5.14 31.67 0.77
N GLU B 233 4.87 31.38 -0.50
CA GLU B 233 3.50 31.11 -0.97
C GLU B 233 2.87 29.89 -0.30
N LEU B 234 3.68 28.88 0.03
CA LEU B 234 3.15 27.71 0.70
C LEU B 234 2.65 28.10 2.08
N GLU B 235 3.50 28.80 2.83
CA GLU B 235 3.13 29.33 4.14
C GLU B 235 1.92 30.27 4.07
N LYS B 236 1.83 31.05 3.00
CA LYS B 236 0.71 31.95 2.78
C LYS B 236 -0.62 31.19 2.65
N ALA B 237 -0.60 30.12 1.86
CA ALA B 237 -1.80 29.31 1.62
C ALA B 237 -2.12 28.37 2.78
N GLY B 238 -1.20 28.26 3.74
CA GLY B 238 -1.39 27.37 4.90
C GLY B 238 -1.07 25.92 4.61
N VAL B 239 -0.26 25.69 3.58
CA VAL B 239 0.19 24.35 3.18
C VAL B 239 1.47 23.95 3.92
N ASN B 240 1.40 22.87 4.70
N ASN B 240 1.40 22.87 4.71
CA ASN B 240 2.58 22.30 5.34
CA ASN B 240 2.58 22.29 5.35
C ASN B 240 3.13 21.14 4.51
C ASN B 240 3.13 21.13 4.53
N TYR B 241 4.45 21.06 4.42
CA TYR B 241 5.10 19.96 3.73
C TYR B 241 5.65 18.95 4.72
N ARG B 242 5.21 17.70 4.59
CA ARG B 242 5.58 16.64 5.51
C ARG B 242 6.24 15.48 4.77
N TYR B 243 7.58 15.48 4.79
CA TYR B 243 8.34 14.37 4.27
C TYR B 243 8.29 13.22 5.26
N MET B 244 8.10 12.00 4.75
CA MET B 244 7.98 10.80 5.58
C MET B 244 8.66 9.58 4.94
N LEU B 245 8.86 8.51 5.72
CA LEU B 245 9.24 7.22 5.15
C LEU B 245 7.97 6.58 4.65
N ILE B 246 8.10 5.88 3.52
CA ILE B 246 6.96 5.41 2.75
C ILE B 246 6.04 4.50 3.56
N ASP B 247 6.62 3.56 4.30
CA ASP B 247 5.81 2.65 5.06
C ASP B 247 5.13 3.32 6.27
N ASP B 248 5.84 4.22 6.96
CA ASP B 248 5.23 5.13 7.91
C ASP B 248 4.04 5.93 7.35
N ALA B 249 4.21 6.48 6.16
CA ALA B 249 3.18 7.31 5.53
C ALA B 249 1.90 6.53 5.30
N ALA B 250 2.04 5.32 4.75
CA ALA B 250 0.92 4.47 4.43
C ALA B 250 0.16 4.08 5.70
N ALA B 251 0.90 3.75 6.76
CA ALA B 251 0.29 3.47 8.06
C ALA B 251 -0.46 4.70 8.61
N GLN B 252 0.18 5.86 8.53
CA GLN B 252 -0.42 7.10 9.00
C GLN B 252 -1.68 7.52 8.21
N ILE B 253 -1.65 7.31 6.89
CA ILE B 253 -2.77 7.66 6.03
C ILE B 253 -4.01 6.90 6.47
N LEU B 254 -3.88 5.58 6.63
CA LEU B 254 -4.99 4.75 7.05
C LEU B 254 -5.52 5.11 8.46
N ARG B 255 -4.67 5.74 9.25
CA ARG B 255 -4.92 6.11 10.64
C ARG B 255 -5.50 7.53 10.75
N SER B 256 -5.31 8.33 9.70
CA SER B 256 -5.68 9.75 9.69
C SER B 256 -7.17 10.01 9.46
N GLU B 257 -7.55 11.29 9.51
N GLU B 257 -7.54 11.29 9.50
CA GLU B 257 -8.89 11.73 9.18
CA GLU B 257 -8.89 11.75 9.18
C GLU B 257 -8.99 12.21 7.72
C GLU B 257 -9.03 12.11 7.68
N GLY B 258 -7.92 11.98 6.97
CA GLY B 258 -7.84 12.41 5.57
C GLY B 258 -7.50 13.89 5.51
N GLY B 259 -7.62 14.48 4.34
CA GLY B 259 -7.51 15.94 4.20
C GLY B 259 -6.23 16.45 3.59
N MET B 260 -5.32 15.55 3.27
CA MET B 260 -4.03 15.93 2.71
C MET B 260 -3.88 15.47 1.26
N LEU B 261 -2.91 16.04 0.56
CA LEU B 261 -2.45 15.48 -0.71
C LEU B 261 -1.31 14.52 -0.38
N TRP B 262 -1.44 13.28 -0.83
CA TRP B 262 -0.37 12.33 -0.71
C TRP B 262 0.28 12.18 -2.08
N ALA B 263 1.44 12.78 -2.23
CA ALA B 263 2.26 12.68 -3.43
C ALA B 263 3.02 11.37 -3.38
N CYS B 264 2.87 10.56 -4.43
CA CYS B 264 3.46 9.22 -4.48
C CYS B 264 4.35 9.06 -5.70
N MET B 265 5.46 8.36 -5.54
CA MET B 265 6.24 7.92 -6.70
C MET B 265 5.40 6.98 -7.57
N ASN B 266 5.88 6.69 -8.77
CA ASN B 266 5.11 6.01 -9.78
C ASN B 266 4.34 4.75 -9.34
N TYR B 267 5.08 3.74 -8.89
CA TYR B 267 4.53 2.44 -8.53
C TYR B 267 3.55 2.55 -7.37
N GLU B 268 4.04 3.14 -6.27
CA GLU B 268 3.25 3.52 -5.10
C GLU B 268 1.95 4.19 -5.44
N GLY B 269 2.01 5.14 -6.37
CA GLY B 269 0.87 5.96 -6.76
C GLY B 269 -0.12 5.15 -7.58
N ASP B 270 0.40 4.23 -8.38
CA ASP B 270 -0.44 3.29 -9.12
C ASP B 270 -1.28 2.46 -8.15
N ILE B 271 -0.61 1.90 -7.14
CA ILE B 271 -1.25 1.10 -6.09
C ILE B 271 -2.19 1.95 -5.22
N MET B 272 -1.64 3.02 -4.65
CA MET B 272 -2.38 3.81 -3.66
C MET B 272 -3.59 4.55 -4.23
N SER B 273 -3.52 4.97 -5.50
CA SER B 273 -4.70 5.61 -6.12
C SER B 273 -5.89 4.65 -6.06
N ASP B 274 -5.68 3.43 -6.51
CA ASP B 274 -6.70 2.39 -6.41
C ASP B 274 -7.07 1.99 -4.99
N MET B 275 -6.07 1.86 -4.14
CA MET B 275 -6.31 1.42 -2.77
C MET B 275 -7.14 2.46 -2.04
N ILE B 276 -6.71 3.71 -2.13
CA ILE B 276 -7.37 4.80 -1.41
C ILE B 276 -8.74 5.08 -2.00
N ALA B 277 -8.89 4.99 -3.33
CA ALA B 277 -10.21 5.06 -3.95
C ALA B 277 -11.16 4.00 -3.37
N SER B 278 -10.64 2.78 -3.20
CA SER B 278 -11.42 1.67 -2.64
C SER B 278 -11.87 1.98 -1.21
N GLY B 279 -10.98 2.55 -0.41
CA GLY B 279 -11.30 2.99 0.95
C GLY B 279 -12.40 4.04 1.05
N PHE B 280 -12.60 4.78 -0.04
CA PHE B 280 -13.66 5.78 -0.06
C PHE B 280 -15.04 5.30 -0.49
N GLY B 281 -15.07 4.20 -1.26
CA GLY B 281 -16.34 3.66 -1.74
C GLY B 281 -16.38 3.43 -3.25
N SER B 282 -17.29 4.11 -3.92
CA SER B 282 -17.52 3.91 -5.35
C SER B 282 -16.61 4.77 -6.22
N LEU B 283 -16.00 4.15 -7.23
CA LEU B 283 -15.22 4.85 -8.24
C LEU B 283 -16.06 5.89 -8.94
N GLY B 284 -17.39 5.75 -8.85
CA GLY B 284 -18.31 6.78 -9.40
C GLY B 284 -18.21 8.13 -8.73
N LEU B 285 -17.71 8.19 -7.50
CA LEU B 285 -17.54 9.46 -6.81
C LEU B 285 -16.08 9.90 -6.79
N MET B 286 -15.35 9.58 -7.84
CA MET B 286 -13.95 9.97 -7.92
C MET B 286 -13.73 11.01 -9.00
N THR B 287 -13.35 12.22 -8.58
CA THR B 287 -12.90 13.26 -9.52
C THR B 287 -11.41 13.09 -9.86
N SER B 288 -10.98 13.75 -10.93
CA SER B 288 -9.61 13.66 -11.41
C SER B 288 -9.20 14.96 -12.12
N VAL B 289 -8.00 15.43 -11.81
CA VAL B 289 -7.51 16.70 -12.36
C VAL B 289 -6.04 16.58 -12.70
N LEU B 290 -5.66 17.01 -13.90
CA LEU B 290 -4.27 17.18 -14.26
C LEU B 290 -3.89 18.63 -13.98
N VAL B 291 -2.85 18.83 -13.17
CA VAL B 291 -2.26 20.15 -13.02
C VAL B 291 -0.85 20.14 -13.61
N SER B 292 -0.45 21.28 -14.20
CA SER B 292 0.90 21.42 -14.74
C SER B 292 1.74 22.34 -13.83
N PRO B 293 3.09 22.28 -13.96
CA PRO B 293 3.98 23.15 -13.18
C PRO B 293 3.71 24.63 -13.43
N ASP B 294 3.29 24.96 -14.65
CA ASP B 294 2.98 26.33 -15.02
C ASP B 294 1.55 26.72 -14.68
N GLY B 295 0.72 25.74 -14.31
CA GLY B 295 -0.58 26.03 -13.75
C GLY B 295 -1.80 25.76 -14.61
N VAL B 296 -1.64 24.94 -15.65
CA VAL B 296 -2.79 24.54 -16.48
C VAL B 296 -3.57 23.43 -15.78
N TYR B 297 -4.89 23.39 -16.00
CA TYR B 297 -5.76 22.39 -15.37
C TYR B 297 -6.58 21.66 -16.42
N GLU B 298 -6.73 20.35 -16.23
CA GLU B 298 -7.60 19.54 -17.07
C GLU B 298 -8.46 18.64 -16.20
N PHE B 299 -9.77 18.86 -16.24
CA PHE B 299 -10.71 18.15 -15.39
C PHE B 299 -11.39 16.99 -16.10
N GLU B 300 -11.38 15.83 -15.44
CA GLU B 300 -11.90 14.59 -15.99
C GLU B 300 -12.49 13.69 -14.89
N ALA B 301 -13.40 12.80 -15.28
CA ALA B 301 -13.85 11.75 -14.38
C ALA B 301 -12.71 10.74 -14.27
N ALA B 302 -12.67 9.99 -13.16
CA ALA B 302 -11.64 8.96 -12.96
C ALA B 302 -11.98 7.69 -13.73
N HIS B 303 -13.28 7.49 -13.98
CA HIS B 303 -13.77 6.27 -14.64
C HIS B 303 -13.51 6.25 -16.16
N GLY B 304 -13.75 5.09 -16.77
CA GLY B 304 -13.54 4.88 -18.18
C GLY B 304 -14.78 5.18 -19.00
N THR B 305 -14.87 4.55 -20.17
CA THR B 305 -15.93 4.87 -21.12
C THR B 305 -17.20 4.06 -20.85
N VAL B 306 -17.10 3.11 -19.93
CA VAL B 306 -18.18 2.19 -19.57
C VAL B 306 -18.78 1.52 -20.83
N ARG B 307 -17.97 0.71 -21.50
CA ARG B 307 -18.42 0.01 -22.73
C ARG B 307 -19.63 -0.91 -22.51
N ARG B 308 -19.66 -1.59 -21.38
N ARG B 308 -19.65 -1.62 -21.39
CA ARG B 308 -20.71 -2.59 -21.11
CA ARG B 308 -20.71 -2.58 -21.09
C ARG B 308 -22.07 -1.95 -20.91
C ARG B 308 -22.07 -1.90 -21.01
N HIS B 309 -22.09 -0.71 -20.42
CA HIS B 309 -23.32 0.09 -20.34
C HIS B 309 -23.65 0.64 -21.71
N TYR B 310 -22.63 1.09 -22.44
CA TYR B 310 -22.82 1.61 -23.79
C TYR B 310 -23.46 0.61 -24.76
N TYR B 311 -23.05 -0.67 -24.67
CA TYR B 311 -23.63 -1.70 -25.55
C TYR B 311 -25.12 -1.92 -25.31
N ARG B 312 -25.51 -1.95 -24.03
CA ARG B 312 -26.91 -2.08 -23.64
C ARG B 312 -27.74 -0.92 -24.20
N TYR B 313 -27.19 0.28 -24.08
CA TYR B 313 -27.71 1.52 -24.66
C TYR B 313 -28.01 1.40 -26.16
N LEU B 314 -27.09 0.80 -26.90
CA LEU B 314 -27.26 0.59 -28.34
C LEU B 314 -28.29 -0.49 -28.64
N LYS B 315 -28.44 -1.44 -27.71
CA LYS B 315 -29.46 -2.49 -27.81
C LYS B 315 -30.87 -1.99 -27.40
N GLY B 316 -30.93 -0.77 -26.86
CA GLY B 316 -32.20 -0.13 -26.50
C GLY B 316 -32.58 -0.27 -25.04
N GLU B 317 -31.62 -0.70 -24.22
CA GLU B 317 -31.83 -0.83 -22.78
C GLU B 317 -31.54 0.48 -22.08
N LYS B 318 -32.21 0.71 -20.96
CA LYS B 318 -31.88 1.85 -20.09
C LYS B 318 -30.85 1.39 -19.06
N THR B 319 -29.89 2.24 -18.75
CA THR B 319 -28.86 1.89 -17.78
C THR B 319 -28.94 2.80 -16.56
N SER B 320 -28.29 2.40 -15.48
CA SER B 320 -28.12 3.28 -14.32
C SER B 320 -26.65 3.72 -14.24
N THR B 321 -26.19 4.46 -15.25
CA THR B 321 -24.81 4.94 -15.26
C THR B 321 -24.70 6.19 -14.39
N ASN B 322 -23.61 6.29 -13.65
CA ASN B 322 -23.40 7.42 -12.73
C ASN B 322 -22.69 8.61 -13.41
N PRO B 323 -23.40 9.75 -13.54
CA PRO B 323 -22.82 10.95 -14.15
C PRO B 323 -22.12 11.88 -13.15
N THR B 324 -22.14 11.50 -11.86
CA THR B 324 -21.64 12.38 -10.79
C THR B 324 -20.20 12.84 -11.06
N ALA B 325 -19.31 11.89 -11.37
CA ALA B 325 -17.92 12.23 -11.66
C ALA B 325 -17.79 13.19 -12.86
N SER B 326 -18.55 12.91 -13.91
CA SER B 326 -18.62 13.75 -15.10
C SER B 326 -19.03 15.20 -14.80
N ILE B 327 -20.14 15.37 -14.08
CA ILE B 327 -20.65 16.69 -13.66
C ILE B 327 -19.60 17.48 -12.87
N PHE B 328 -18.93 16.81 -11.92
CA PHE B 328 -17.88 17.44 -11.10
C PHE B 328 -16.59 17.69 -11.87
N ALA B 329 -16.45 17.08 -13.05
CA ALA B 329 -15.37 17.43 -13.96
C ALA B 329 -15.74 18.73 -14.64
N TRP B 330 -17.02 18.89 -14.96
CA TRP B 330 -17.51 20.14 -15.54
C TRP B 330 -17.45 21.30 -14.53
N THR B 331 -17.93 21.07 -13.31
CA THR B 331 -17.92 22.13 -12.28
C THR B 331 -16.50 22.51 -11.89
N GLY B 332 -15.64 21.50 -11.69
CA GLY B 332 -14.21 21.75 -11.50
C GLY B 332 -13.63 22.71 -12.53
N ALA B 333 -13.96 22.48 -13.79
CA ALA B 333 -13.48 23.31 -14.90
C ALA B 333 -14.05 24.72 -14.84
N ILE B 334 -15.34 24.80 -14.52
CA ILE B 334 -16.08 26.06 -14.45
C ILE B 334 -15.58 26.93 -13.30
N ARG B 335 -15.42 26.32 -12.12
CA ARG B 335 -14.90 27.01 -10.94
C ARG B 335 -13.50 27.58 -11.14
N LYS B 336 -12.57 26.72 -11.59
CA LYS B 336 -11.20 27.13 -11.90
C LYS B 336 -11.17 28.32 -12.86
N ARG B 337 -11.95 28.25 -13.93
CA ARG B 337 -12.08 29.35 -14.90
C ARG B 337 -12.76 30.61 -14.32
N GLY B 338 -13.68 30.37 -13.34
CA GLY B 338 -14.33 31.49 -12.66
C GLY B 338 -13.33 32.28 -11.83
N GLU B 339 -12.53 31.58 -11.04
CA GLU B 339 -11.59 32.23 -10.13
C GLU B 339 -10.37 32.87 -10.81
N LEU B 340 -10.03 32.38 -12.02
CA LEU B 340 -8.86 32.91 -12.76
C LEU B 340 -9.09 34.28 -13.37
N ASP B 341 -10.26 34.49 -13.93
CA ASP B 341 -10.61 35.83 -14.43
C ASP B 341 -10.84 36.81 -13.25
N GLY B 342 -11.60 36.30 -12.25
CA GLY B 342 -12.10 37.09 -11.13
C GLY B 342 -13.60 37.29 -11.27
N THR B 343 -14.31 36.24 -11.65
CA THR B 343 -15.76 36.31 -11.87
C THR B 343 -16.53 35.45 -10.86
N PRO B 344 -16.85 36.03 -9.68
CA PRO B 344 -17.49 35.29 -8.59
C PRO B 344 -19.01 35.21 -8.78
N GLU B 345 -19.42 34.49 -9.82
CA GLU B 345 -20.81 34.16 -10.11
C GLU B 345 -20.74 32.88 -10.92
N VAL B 346 -19.67 32.78 -11.71
CA VAL B 346 -19.28 31.56 -12.38
C VAL B 346 -18.99 30.52 -11.30
N CYS B 347 -18.16 30.91 -10.33
CA CYS B 347 -17.82 30.06 -9.18
C CYS B 347 -19.05 29.60 -8.42
N GLU B 348 -19.98 30.53 -8.20
CA GLU B 348 -21.21 30.27 -7.46
C GLU B 348 -22.15 29.27 -8.15
N PHE B 349 -22.15 29.26 -9.48
CA PHE B 349 -22.90 28.26 -10.23
C PHE B 349 -22.25 26.88 -10.11
N ALA B 350 -20.91 26.86 -10.20
CA ALA B 350 -20.16 25.62 -10.02
C ALA B 350 -20.50 24.97 -8.68
N ASP B 351 -20.63 25.81 -7.65
CA ASP B 351 -20.99 25.38 -6.30
C ASP B 351 -22.40 24.78 -6.24
N LYS B 352 -23.36 25.48 -6.87
CA LYS B 352 -24.78 25.11 -6.81
C LYS B 352 -25.05 23.77 -7.49
N LEU B 353 -24.43 23.54 -8.64
CA LEU B 353 -24.59 22.30 -9.38
C LEU B 353 -23.98 21.10 -8.63
N GLU B 354 -22.79 21.28 -8.06
CA GLU B 354 -22.20 20.28 -7.20
C GLU B 354 -23.12 19.96 -6.03
N LYS B 355 -23.63 21.01 -5.38
CA LYS B 355 -24.51 20.87 -4.24
C LYS B 355 -25.88 20.27 -4.61
N ALA B 356 -26.31 20.45 -5.86
CA ALA B 356 -27.54 19.82 -6.37
C ALA B 356 -27.39 18.31 -6.53
N VAL B 357 -26.25 17.88 -7.06
CA VAL B 357 -25.87 16.46 -7.17
C VAL B 357 -25.83 15.79 -5.79
N ILE B 358 -25.17 16.44 -4.84
CA ILE B 358 -25.02 15.95 -3.48
C ILE B 358 -26.38 15.83 -2.77
N ASN B 359 -27.25 16.79 -3.04
CA ASN B 359 -28.63 16.76 -2.51
C ASN B 359 -29.49 15.66 -3.12
N THR B 360 -29.27 15.37 -4.40
CA THR B 360 -29.97 14.27 -5.07
C THR B 360 -29.65 12.94 -4.36
N ILE B 361 -28.37 12.61 -4.29
CA ILE B 361 -27.90 11.39 -3.66
C ILE B 361 -28.35 11.28 -2.20
N GLU B 362 -28.21 12.38 -1.44
CA GLU B 362 -28.56 12.40 -0.01
C GLU B 362 -30.05 12.24 0.29
N SER B 363 -30.90 12.48 -0.71
CA SER B 363 -32.35 12.31 -0.57
C SER B 363 -32.80 10.88 -0.90
N GLY B 364 -31.86 10.04 -1.34
CA GLY B 364 -32.15 8.65 -1.64
C GLY B 364 -32.28 8.34 -3.13
N VAL B 365 -32.02 9.33 -3.96
CA VAL B 365 -32.07 9.16 -5.41
C VAL B 365 -30.66 8.83 -5.89
N ILE B 366 -30.43 7.54 -6.15
CA ILE B 366 -29.10 7.06 -6.55
C ILE B 366 -29.11 6.28 -7.85
N THR B 367 -27.93 6.20 -8.45
CA THR B 367 -27.63 5.23 -9.49
C THR B 367 -27.17 3.90 -8.86
N LYS B 368 -27.18 2.83 -9.67
CA LYS B 368 -26.96 1.46 -9.17
C LYS B 368 -25.63 1.28 -8.43
N ASP B 369 -24.57 1.85 -8.98
CA ASP B 369 -23.23 1.69 -8.41
C ASP B 369 -23.10 2.13 -6.94
N LEU B 370 -24.00 3.01 -6.51
CA LEU B 370 -23.96 3.53 -5.15
C LEU B 370 -24.66 2.62 -4.14
N GLN B 371 -25.70 1.93 -4.61
CA GLN B 371 -26.51 1.02 -3.78
C GLN B 371 -25.75 0.18 -2.73
N PRO B 372 -24.69 -0.56 -3.13
CA PRO B 372 -23.90 -1.33 -2.16
C PRO B 372 -23.19 -0.52 -1.06
N PHE B 373 -23.03 0.79 -1.24
CA PHE B 373 -22.31 1.63 -0.28
C PHE B 373 -23.18 2.51 0.60
N THR B 374 -24.40 2.80 0.15
CA THR B 374 -25.31 3.70 0.88
C THR B 374 -25.67 3.22 2.29
N GLU B 375 -25.73 4.17 3.23
CA GLU B 375 -26.08 3.90 4.64
C GLU B 375 -27.01 4.97 5.20
N PRO B 376 -28.22 4.58 5.62
CA PRO B 376 -28.77 3.23 5.49
C PRO B 376 -29.01 2.86 4.02
N PRO B 377 -29.01 1.56 3.69
CA PRO B 377 -29.16 1.08 2.32
C PRO B 377 -30.42 1.57 1.61
N ILE B 378 -30.27 1.88 0.32
CA ILE B 378 -31.37 2.33 -0.53
C ILE B 378 -31.89 1.13 -1.35
N ASP B 379 -33.17 0.82 -1.16
CA ASP B 379 -33.81 -0.36 -1.77
C ASP B 379 -33.77 -0.33 -3.30
N LYS B 380 -34.00 0.85 -3.86
CA LYS B 380 -34.13 1.01 -5.30
C LYS B 380 -33.15 2.03 -5.88
N TYR B 381 -32.89 1.90 -7.17
CA TYR B 381 -32.04 2.85 -7.88
C TYR B 381 -32.72 3.43 -9.11
N VAL B 382 -32.29 4.64 -9.47
CA VAL B 382 -32.85 5.39 -10.58
C VAL B 382 -31.90 5.31 -11.78
N THR B 383 -32.44 5.44 -13.00
CA THR B 383 -31.63 5.38 -14.23
C THR B 383 -30.74 6.61 -14.40
N LEU B 384 -29.88 6.56 -15.42
CA LEU B 384 -29.08 7.71 -15.81
C LEU B 384 -29.94 8.94 -16.09
N GLU B 385 -30.86 8.84 -17.06
N GLU B 385 -30.86 8.80 -17.05
CA GLU B 385 -31.71 9.98 -17.42
CA GLU B 385 -31.75 9.89 -17.47
C GLU B 385 -32.44 10.53 -16.19
C GLU B 385 -32.51 10.50 -16.28
N GLU B 386 -32.99 9.63 -15.40
CA GLU B 386 -33.76 10.00 -14.21
C GLU B 386 -32.92 10.70 -13.15
N PHE B 387 -31.64 10.33 -13.05
CA PHE B 387 -30.73 10.95 -12.08
C PHE B 387 -30.39 12.39 -12.47
N ILE B 388 -30.07 12.60 -13.75
CA ILE B 388 -29.83 13.96 -14.27
C ILE B 388 -31.08 14.85 -14.11
N ASP B 389 -32.26 14.29 -14.37
CA ASP B 389 -33.52 15.01 -14.19
C ASP B 389 -33.75 15.46 -12.75
N GLU B 390 -33.40 14.60 -11.78
CA GLU B 390 -33.47 14.97 -10.37
C GLU B 390 -32.39 15.97 -9.97
N VAL B 391 -31.22 15.87 -10.59
CA VAL B 391 -30.14 16.83 -10.38
C VAL B 391 -30.58 18.21 -10.90
N LYS B 392 -31.25 18.19 -12.06
CA LYS B 392 -31.83 19.40 -12.67
C LYS B 392 -32.88 20.05 -11.76
N LYS B 393 -33.82 19.24 -11.28
CA LYS B 393 -34.81 19.69 -10.29
C LYS B 393 -34.15 20.37 -9.10
N ASN B 394 -33.16 19.70 -8.52
CA ASN B 394 -32.45 20.19 -7.34
C ASN B 394 -31.57 21.40 -7.58
N LEU B 395 -31.10 21.57 -8.82
CA LEU B 395 -30.36 22.76 -9.21
C LEU B 395 -31.31 23.95 -9.32
N GLU B 396 -32.45 23.73 -9.99
CA GLU B 396 -33.49 24.76 -10.14
C GLU B 396 -33.98 25.27 -8.79
N LYS B 397 -33.98 24.40 -7.79
CA LYS B 397 -34.36 24.75 -6.43
C LYS B 397 -33.38 25.75 -5.77
N LEU B 398 -32.14 25.79 -6.28
CA LEU B 398 -31.08 26.63 -5.71
C LEU B 398 -30.84 27.95 -6.47
N LEU B 399 -31.36 28.05 -7.69
CA LEU B 399 -31.19 29.25 -8.51
C LEU B 399 -32.28 30.30 -8.23
#